data_5O5U
#
_entry.id   5O5U
#
_cell.length_a   101.790
_cell.length_b   130.412
_cell.length_c   159.097
_cell.angle_alpha   90.00
_cell.angle_beta   90.00
_cell.angle_gamma   90.00
#
_symmetry.space_group_name_H-M   'I 2 2 2'
#
loop_
_entity.id
_entity.type
_entity.pdbx_description
1 polymer 'Glutamate carboxypeptidase 2'
2 branched beta-D-mannopyranose-(1-4)-2-acetamido-2-deoxy-beta-D-glucopyranose-(1-4)-2-acetamido-2-deoxy-beta-D-glucopyranose
3 branched 2-acetamido-2-deoxy-beta-D-glucopyranose-(1-4)-2-acetamido-2-deoxy-beta-D-glucopyranose
4 branched alpha-D-mannopyranose-(1-3)-[alpha-D-mannopyranose-(1-6)]beta-D-mannopyranose-(1-4)-2-acetamido-2-deoxy-beta-D-glucopyranose-(1-4)-2-acetamido-2-deoxy-beta-D-glucopyranose
5 non-polymer 2-acetamido-2-deoxy-beta-D-glucopyranose
6 non-polymer 'ZINC ION'
7 non-polymer 'CALCIUM ION'
8 non-polymer 'CHLORIDE ION'
9 non-polymer '(2~{S})-2-[[(2~{S})-6-[[(2~{S})-2-[[4-[[[(2~{S})-2-[[(2~{R})-2-[(6-fluoranylpyridin-3-yl)carbonylamino]-3-sulfo-propanoyl]amino]-3-sulfo-propanoyl]amino]methyl]phenyl]carbonylamino]-3-naphthalen-2-yl-propanoyl]amino]-1-oxidanyl-1-oxidanylidene-hexan-2-yl]carbamoylamino]pentanedioic acid'
10 water water
#
_entity_poly.entity_id   1
_entity_poly.type   'polypeptide(L)'
_entity_poly.pdbx_seq_one_letter_code
;KSSNEATNITPKHNMKAFLDELKAENIKKFLYNFTQIPHLAGTEQNFQLAKQIQSQWKEFGLDSVELAHYDVLLSYPNKT
HPNYISIINEDGNEIFNTSLFEPPPPGYENVSDIVPPFSAFSPQGMPEGDLVYVNYARTEDFFKLERDMKINCSGKIVIA
RYGKVFRGNKVKNAQLAGAKGVILYSDPADYFAPGVKSYPDGWNLPGGGVQRGNILNLNGAGDPLTPGYPANEYAYRRGI
AEAVGLPSIPVHPIGYYDAQKLLEKMGGSAPPDSSWRGSLKVPYNVGPGFTGNFSTQKVKMHIHSTNEVTRIYNVIGTLR
GAVEPDRYVILGGHRDSWVFGGIDPQSGAAVVHEIVRSFGTLKKEGWRPRRTILFASWDAEEFGLLGSTEWAEENSRLLQ
ERGVAYINADSSIEGNYTLRVDCTPLMYSLVHNLTKELKSPDEGFEGKSLYESWTKKSPSPEFSGMPRISKLGSGNDFEV
FFQRLGIASGRARYTKNWETNKFSGYPLYHSVYETYELVEKFYDPMFKYHLTVAQVRGGMVFELANSIVLPFDCRDYAVV
LRKYADKIYSISMKHPQEMKTYSVSFDSLFSAVKNFTEIASKFSERLQDFDKSNPIVLRMMNDQLMFLERAFIDPLGLPD
RPFYRHVIYAPSSHNKYAGESFPGIYDALFDIESKVDPSKAWGEVKRQIYVAAFTVQAAAETLSEVA
;
_entity_poly.pdbx_strand_id   A
#
# COMPACT_ATOMS: atom_id res chain seq x y z
N LYS A 12 -4.42 25.95 27.62
CA LYS A 12 -5.42 25.17 26.83
C LYS A 12 -4.80 23.90 26.23
N HIS A 13 -5.45 22.75 26.47
CA HIS A 13 -5.09 21.48 25.85
C HIS A 13 -6.08 21.20 24.75
N ASN A 14 -5.77 21.64 23.55
CA ASN A 14 -6.65 21.48 22.40
C ASN A 14 -5.79 21.06 21.21
N MET A 15 -6.40 20.99 20.02
CA MET A 15 -5.61 20.49 18.89
C MET A 15 -4.44 21.45 18.61
N LYS A 16 -4.68 22.76 18.73
CA LYS A 16 -3.62 23.73 18.48
C LYS A 16 -2.39 23.49 19.35
N ALA A 17 -2.60 23.11 20.60
CA ALA A 17 -1.50 22.85 21.51
C ALA A 17 -0.70 21.63 21.05
N PHE A 18 -1.43 20.57 20.71
CA PHE A 18 -0.79 19.41 20.12
C PHE A 18 0.03 19.75 18.87
N LEU A 19 -0.57 20.47 17.93
CA LEU A 19 0.08 20.78 16.67
C LEU A 19 1.32 21.68 16.84
N ASP A 20 1.22 22.65 17.73
CA ASP A 20 2.32 23.63 17.94
C ASP A 20 3.51 22.97 18.58
N GLU A 21 3.30 21.90 19.33
CA GLU A 21 4.41 21.19 19.95
C GLU A 21 5.30 20.40 18.96
N LEU A 22 4.74 20.00 17.81
CA LEU A 22 5.48 19.30 16.78
C LEU A 22 6.58 20.22 16.20
N LYS A 23 7.79 19.67 16.06
CA LYS A 23 8.96 20.43 15.52
C LYS A 23 9.65 19.74 14.37
N ALA A 24 9.86 20.47 13.28
CA ALA A 24 10.66 20.02 12.16
C ALA A 24 12.02 19.51 12.60
N GLU A 25 12.65 20.21 13.53
CA GLU A 25 14.01 19.84 13.94
C GLU A 25 14.06 18.49 14.65
N ASN A 26 13.00 18.15 15.39
CA ASN A 26 12.91 16.83 16.05
C ASN A 26 12.76 15.71 15.02
N ILE A 27 11.91 15.94 14.03
CA ILE A 27 11.72 14.93 12.94
C ILE A 27 13.05 14.67 12.26
N LYS A 28 13.80 15.75 11.97
CA LYS A 28 15.12 15.64 11.37
C LYS A 28 16.06 14.82 12.22
N LYS A 29 16.16 15.13 13.50
CA LYS A 29 16.99 14.35 14.43
C LYS A 29 16.61 12.84 14.49
N PHE A 30 15.31 12.58 14.53
CA PHE A 30 14.86 11.20 14.56
C PHE A 30 15.18 10.48 13.22
N LEU A 31 14.99 11.15 12.09
CA LEU A 31 15.31 10.53 10.83
C LEU A 31 16.77 10.15 10.76
N TYR A 32 17.65 11.09 11.13
CA TYR A 32 19.07 10.76 11.20
C TYR A 32 19.32 9.54 12.07
N ASN A 33 18.72 9.52 13.24
CA ASN A 33 18.91 8.43 14.22
C ASN A 33 18.49 7.05 13.67
N PHE A 34 17.44 7.04 12.84
CA PHE A 34 16.87 5.81 12.32
C PHE A 34 17.49 5.28 11.05
N THR A 35 18.46 6.01 10.44
CA THR A 35 18.92 5.66 9.11
C THR A 35 20.44 5.51 8.97
N GLN A 36 21.13 5.33 10.08
CA GLN A 36 22.62 5.16 10.03
C GLN A 36 23.06 3.76 9.71
N ILE A 37 22.24 2.75 10.04
CA ILE A 37 22.52 1.35 9.69
C ILE A 37 21.27 0.72 9.11
N PRO A 38 21.42 -0.40 8.39
CA PRO A 38 20.23 -1.08 7.90
C PRO A 38 19.37 -1.67 9.02
N HIS A 39 18.05 -1.69 8.80
CA HIS A 39 17.09 -2.34 9.73
C HIS A 39 16.22 -3.34 9.01
N LEU A 40 16.85 -4.31 8.37
CA LEU A 40 16.15 -5.40 7.66
C LEU A 40 15.33 -6.24 8.61
N ALA A 41 14.07 -6.53 8.24
CA ALA A 41 13.26 -7.39 9.09
C ALA A 41 13.93 -8.69 9.43
N GLY A 42 13.81 -9.08 10.70
CA GLY A 42 14.32 -10.33 11.22
C GLY A 42 15.78 -10.27 11.59
N THR A 43 16.43 -9.12 11.43
CA THR A 43 17.85 -9.00 11.83
C THR A 43 17.98 -8.36 13.21
N GLU A 44 19.16 -8.57 13.82
CA GLU A 44 19.42 -8.04 15.15
C GLU A 44 19.29 -6.55 15.23
N GLN A 45 19.72 -5.84 14.19
CA GLN A 45 19.72 -4.39 14.20
C GLN A 45 18.29 -3.85 14.29
N ASN A 46 17.35 -4.57 13.66
CA ASN A 46 15.96 -4.12 13.72
C ASN A 46 15.28 -4.48 15.05
N PHE A 47 15.72 -5.54 15.73
CA PHE A 47 15.30 -5.80 17.09
C PHE A 47 15.82 -4.73 18.03
N GLN A 48 17.10 -4.36 17.87
N GLN A 48 17.10 -4.38 17.86
CA GLN A 48 17.62 -3.29 18.71
CA GLN A 48 17.70 -3.26 18.62
C GLN A 48 16.88 -1.95 18.52
C GLN A 48 16.90 -1.98 18.51
N LEU A 49 16.52 -1.62 17.28
CA LEU A 49 15.75 -0.41 17.04
C LEU A 49 14.35 -0.52 17.70
N ALA A 50 13.70 -1.69 17.60
CA ALA A 50 12.44 -1.90 18.29
C ALA A 50 12.56 -1.59 19.77
N LYS A 51 13.62 -2.11 20.37
CA LYS A 51 13.83 -1.88 21.81
C LYS A 51 14.08 -0.41 22.15
N GLN A 52 14.81 0.28 21.29
CA GLN A 52 14.98 1.74 21.43
C GLN A 52 13.67 2.52 21.39
N ILE A 53 12.83 2.21 20.40
N ILE A 53 12.84 2.20 20.38
CA ILE A 53 11.58 2.94 20.23
CA ILE A 53 11.55 2.87 20.18
C ILE A 53 10.65 2.63 21.40
C ILE A 53 10.67 2.62 21.40
N GLN A 54 10.64 1.37 21.85
CA GLN A 54 9.88 1.01 23.08
C GLN A 54 10.28 1.89 24.27
N SER A 55 11.58 1.97 24.49
N SER A 55 11.59 1.97 24.52
CA SER A 55 12.13 2.77 25.62
CA SER A 55 12.11 2.75 25.64
C SER A 55 11.73 4.22 25.50
C SER A 55 11.77 4.24 25.52
N GLN A 56 11.89 4.79 24.31
CA GLN A 56 11.60 6.21 24.09
C GLN A 56 10.13 6.54 24.18
N TRP A 57 9.26 5.72 23.59
CA TRP A 57 7.84 5.92 23.81
C TRP A 57 7.39 5.89 25.27
N LYS A 58 8.00 5.03 26.07
CA LYS A 58 7.76 5.03 27.52
C LYS A 58 8.21 6.36 28.12
N GLU A 59 9.41 6.82 27.81
N GLU A 59 9.45 6.76 27.81
CA GLU A 59 9.89 8.11 28.35
CA GLU A 59 10.03 8.06 28.19
C GLU A 59 9.06 9.30 27.82
C GLU A 59 9.06 9.21 27.83
N PHE A 60 8.55 9.18 26.59
CA PHE A 60 7.65 10.22 26.08
C PHE A 60 6.33 10.33 26.83
N GLY A 61 5.93 9.30 27.57
CA GLY A 61 4.79 9.35 28.48
C GLY A 61 3.63 8.40 28.18
N LEU A 62 3.79 7.44 27.26
CA LEU A 62 2.68 6.50 27.03
C LEU A 62 2.41 5.65 28.24
N ASP A 63 1.16 5.19 28.37
CA ASP A 63 0.78 4.38 29.52
C ASP A 63 1.41 2.98 29.55
N SER A 64 1.51 2.31 28.40
CA SER A 64 2.21 1.04 28.28
C SER A 64 2.78 0.99 26.89
N VAL A 65 3.90 0.31 26.78
CA VAL A 65 4.55 0.10 25.51
C VAL A 65 5.12 -1.31 25.55
N GLU A 66 4.64 -2.20 24.66
CA GLU A 66 5.05 -3.58 24.66
C GLU A 66 5.53 -4.02 23.30
N LEU A 67 6.33 -5.07 23.27
CA LEU A 67 6.68 -5.69 22.01
C LEU A 67 5.74 -6.86 21.79
N ALA A 68 5.24 -7.01 20.58
CA ALA A 68 4.43 -8.14 20.19
C ALA A 68 5.22 -8.84 19.12
N HIS A 69 5.63 -10.07 19.37
CA HIS A 69 6.47 -10.81 18.42
C HIS A 69 5.72 -11.97 17.80
N TYR A 70 6.21 -12.40 16.64
CA TYR A 70 5.64 -13.48 15.79
C TYR A 70 6.80 -14.15 15.09
N ASP A 71 6.60 -15.39 14.65
CA ASP A 71 7.63 -16.14 13.90
C ASP A 71 7.05 -16.45 12.54
N VAL A 72 7.53 -15.72 11.53
CA VAL A 72 6.92 -15.65 10.20
C VAL A 72 7.92 -16.06 9.13
N LEU A 73 7.40 -16.47 7.97
CA LEU A 73 8.32 -16.79 6.87
C LEU A 73 8.93 -15.55 6.25
N LEU A 74 10.28 -15.45 6.30
CA LEU A 74 11.03 -14.40 5.61
C LEU A 74 11.94 -15.04 4.57
N SER A 75 12.67 -14.21 3.81
CA SER A 75 13.49 -14.68 2.70
C SER A 75 14.76 -13.87 2.65
N TYR A 76 15.91 -14.54 2.47
CA TYR A 76 17.20 -13.84 2.42
C TYR A 76 18.13 -14.48 1.41
N PRO A 77 18.95 -13.66 0.77
CA PRO A 77 20.01 -14.29 -0.05
C PRO A 77 20.97 -15.14 0.75
N ASN A 78 21.65 -16.07 0.07
CA ASN A 78 22.71 -16.87 0.72
C ASN A 78 24.01 -16.05 0.64
N LYS A 79 24.55 -15.67 1.79
CA LYS A 79 25.79 -14.87 1.87
C LYS A 79 27.00 -15.49 1.17
N THR A 80 27.06 -16.81 1.12
CA THR A 80 28.22 -17.48 0.47
C THR A 80 27.91 -18.12 -0.88
N HIS A 81 26.75 -17.81 -1.46
CA HIS A 81 26.36 -18.35 -2.72
C HIS A 81 25.50 -17.27 -3.41
N PRO A 82 26.13 -16.25 -3.98
CA PRO A 82 25.38 -15.07 -4.43
C PRO A 82 24.49 -15.30 -5.63
N ASN A 83 23.41 -14.51 -5.68
CA ASN A 83 22.51 -14.50 -6.80
C ASN A 83 23.08 -13.65 -7.94
N TYR A 84 22.94 -14.15 -9.16
CA TYR A 84 23.32 -13.36 -10.35
C TYR A 84 22.74 -13.98 -11.61
N ILE A 85 22.83 -13.23 -12.70
CA ILE A 85 22.33 -13.65 -14.00
C ILE A 85 23.50 -13.57 -14.99
N SER A 86 23.53 -14.55 -15.87
CA SER A 86 24.55 -14.60 -16.94
C SER A 86 23.98 -14.60 -18.33
N ILE A 87 24.82 -14.17 -19.30
CA ILE A 87 24.67 -14.62 -20.68
C ILE A 87 25.71 -15.75 -20.84
N ILE A 88 25.27 -16.88 -21.36
CA ILE A 88 26.16 -18.05 -21.54
C ILE A 88 26.25 -18.41 -23.02
N ASN A 89 27.46 -18.71 -23.50
CA ASN A 89 27.60 -19.21 -24.89
C ASN A 89 27.31 -20.70 -24.98
N GLU A 90 27.28 -21.23 -26.21
CA GLU A 90 27.02 -22.67 -26.46
C GLU A 90 28.01 -23.65 -25.78
N ASP A 91 29.22 -23.19 -25.48
CA ASP A 91 30.18 -23.97 -24.67
C ASP A 91 29.80 -24.03 -23.19
N GLY A 92 28.94 -23.13 -22.73
CA GLY A 92 28.60 -23.03 -21.32
C GLY A 92 29.49 -22.07 -20.55
N ASN A 93 30.22 -21.20 -21.25
CA ASN A 93 31.00 -20.14 -20.59
C ASN A 93 30.10 -18.94 -20.34
N GLU A 94 30.23 -18.39 -19.15
CA GLU A 94 29.47 -17.21 -18.73
C GLU A 94 30.23 -15.99 -19.14
N ILE A 95 29.79 -15.39 -20.25
CA ILE A 95 30.47 -14.24 -20.87
C ILE A 95 30.06 -12.88 -20.37
N PHE A 96 28.98 -12.81 -19.60
CA PHE A 96 28.56 -11.56 -18.98
C PHE A 96 27.84 -11.96 -17.69
N ASN A 97 28.17 -11.30 -16.58
CA ASN A 97 27.50 -11.50 -15.30
C ASN A 97 26.94 -10.19 -14.81
N THR A 98 25.71 -10.23 -14.27
CA THR A 98 25.18 -9.06 -13.59
C THR A 98 25.90 -8.83 -12.28
N SER A 99 25.74 -7.63 -11.72
CA SER A 99 26.44 -7.23 -10.49
C SER A 99 26.05 -8.03 -9.26
N LEU A 100 26.96 -8.15 -8.31
CA LEU A 100 26.66 -8.86 -7.05
C LEU A 100 26.17 -7.91 -5.96
N PHE A 101 26.26 -6.61 -6.18
CA PHE A 101 25.84 -5.60 -5.18
C PHE A 101 25.78 -4.22 -5.85
N GLU A 102 25.02 -3.30 -5.23
CA GLU A 102 24.97 -1.89 -5.70
C GLU A 102 26.23 -1.21 -5.16
N PRO A 103 26.88 -0.35 -5.99
CA PRO A 103 27.99 0.41 -5.43
C PRO A 103 27.54 1.28 -4.24
N PRO A 104 28.15 1.13 -3.07
CA PRO A 104 27.61 1.87 -1.94
C PRO A 104 27.81 3.36 -2.05
N PRO A 105 26.91 4.12 -1.43
CA PRO A 105 27.06 5.56 -1.56
C PRO A 105 28.21 6.16 -0.73
N PRO A 106 28.58 7.42 -1.02
CA PRO A 106 29.73 8.02 -0.31
C PRO A 106 29.63 7.99 1.21
N GLY A 107 30.68 7.48 1.84
CA GLY A 107 30.73 7.38 3.28
C GLY A 107 30.05 6.15 3.92
N TYR A 108 29.39 5.33 3.10
CA TYR A 108 28.76 4.05 3.52
C TYR A 108 29.43 2.86 2.86
N GLU A 109 30.59 3.09 2.25
CA GLU A 109 31.27 2.02 1.55
C GLU A 109 31.85 0.98 2.55
N ASN A 110 31.88 1.31 3.85
CA ASN A 110 32.28 0.35 4.92
C ASN A 110 31.13 -0.16 5.80
N VAL A 111 29.90 0.23 5.48
CA VAL A 111 28.78 -0.25 6.24
C VAL A 111 28.56 -1.76 5.94
N SER A 112 28.44 -2.56 7.00
N SER A 112 28.45 -2.55 7.01
CA SER A 112 28.19 -3.98 6.88
CA SER A 112 28.19 -3.99 6.90
C SER A 112 26.68 -4.25 6.83
C SER A 112 26.68 -4.24 6.83
N ASP A 113 26.37 -5.46 6.37
CA ASP A 113 25.03 -5.98 6.42
C ASP A 113 24.10 -5.25 5.46
N ILE A 114 24.60 -4.69 4.37
CA ILE A 114 23.70 -4.22 3.31
C ILE A 114 23.26 -5.42 2.49
N VAL A 115 21.96 -5.75 2.54
CA VAL A 115 21.50 -6.90 1.80
C VAL A 115 21.62 -6.63 0.31
N PRO A 116 22.24 -7.56 -0.45
CA PRO A 116 22.32 -7.29 -1.89
C PRO A 116 20.95 -7.32 -2.54
N PRO A 117 20.79 -6.66 -3.68
CA PRO A 117 19.52 -6.75 -4.36
C PRO A 117 19.06 -8.18 -4.62
N PHE A 118 17.77 -8.43 -4.32
CA PHE A 118 17.16 -9.72 -4.60
C PHE A 118 15.65 -9.55 -4.59
N SER A 119 14.95 -10.57 -5.09
CA SER A 119 13.48 -10.62 -5.04
C SER A 119 13.06 -11.55 -3.90
N ALA A 120 12.53 -10.97 -2.82
CA ALA A 120 12.20 -11.74 -1.64
C ALA A 120 11.11 -12.76 -1.98
N PHE A 121 11.37 -13.99 -1.54
CA PHE A 121 10.54 -15.20 -1.70
C PHE A 121 10.71 -15.93 -3.03
N SER A 122 11.64 -15.49 -3.86
CA SER A 122 11.98 -16.28 -5.04
C SER A 122 12.37 -17.69 -4.62
N PRO A 123 11.91 -18.70 -5.38
CA PRO A 123 12.49 -20.03 -5.18
C PRO A 123 13.89 -20.09 -5.75
N GLN A 124 14.56 -21.19 -5.42
CA GLN A 124 15.91 -21.44 -5.93
C GLN A 124 15.82 -22.04 -7.31
N GLY A 125 16.82 -21.76 -8.11
CA GLY A 125 16.95 -22.44 -9.40
C GLY A 125 18.02 -21.83 -10.26
N MET A 126 18.39 -22.57 -11.31
CA MET A 126 19.32 -22.09 -12.32
C MET A 126 18.80 -22.30 -13.73
N PRO A 127 17.59 -21.78 -14.03
CA PRO A 127 17.00 -21.94 -15.35
C PRO A 127 17.85 -21.26 -16.44
N GLU A 128 17.97 -21.92 -17.60
N GLU A 128 17.93 -21.87 -17.62
CA GLU A 128 18.66 -21.41 -18.81
CA GLU A 128 18.67 -21.35 -18.77
C GLU A 128 17.68 -21.33 -19.98
C GLU A 128 17.74 -21.34 -19.98
N GLY A 129 17.69 -20.23 -20.72
CA GLY A 129 16.79 -20.13 -21.86
C GLY A 129 16.88 -18.87 -22.67
N ASP A 130 15.91 -18.72 -23.55
CA ASP A 130 15.80 -17.57 -24.41
C ASP A 130 14.91 -16.52 -23.74
N LEU A 131 15.26 -15.26 -23.97
N LEU A 131 15.31 -15.25 -23.88
CA LEU A 131 14.62 -14.10 -23.34
CA LEU A 131 14.55 -14.13 -23.32
C LEU A 131 13.44 -13.61 -24.15
C LEU A 131 13.34 -13.79 -24.16
N VAL A 132 12.29 -13.34 -23.49
CA VAL A 132 11.18 -12.61 -24.12
C VAL A 132 11.03 -11.33 -23.31
N TYR A 133 10.95 -10.18 -23.99
CA TYR A 133 10.72 -8.90 -23.33
C TYR A 133 9.21 -8.60 -23.30
N VAL A 134 8.68 -8.36 -22.08
CA VAL A 134 7.21 -8.29 -21.85
C VAL A 134 6.72 -6.90 -21.36
N ASN A 135 7.48 -5.85 -21.67
CA ASN A 135 7.13 -4.49 -21.23
C ASN A 135 7.00 -4.45 -19.70
N TYR A 136 5.87 -3.97 -19.18
CA TYR A 136 5.68 -3.92 -17.74
C TYR A 136 5.11 -5.20 -17.16
N ALA A 137 4.95 -6.27 -17.98
CA ALA A 137 4.40 -7.53 -17.52
C ALA A 137 2.98 -7.38 -16.91
N ARG A 138 2.24 -6.40 -17.41
CA ARG A 138 0.84 -6.20 -17.06
C ARG A 138 -0.05 -7.21 -17.77
N THR A 139 -1.27 -7.37 -17.25
CA THR A 139 -2.24 -8.25 -17.90
C THR A 139 -2.40 -7.91 -19.39
N GLU A 140 -2.51 -6.64 -19.70
CA GLU A 140 -2.66 -6.19 -21.11
C GLU A 140 -1.40 -6.41 -21.93
N ASP A 141 -0.24 -6.38 -21.30
CA ASP A 141 1.02 -6.70 -22.05
C ASP A 141 1.07 -8.16 -22.50
N PHE A 142 0.66 -9.09 -21.62
CA PHE A 142 0.59 -10.48 -21.96
C PHE A 142 -0.53 -10.78 -22.97
N PHE A 143 -1.66 -10.09 -22.85
CA PHE A 143 -2.74 -10.19 -23.86
C PHE A 143 -2.16 -9.82 -25.23
N LYS A 144 -1.36 -8.75 -25.28
CA LYS A 144 -0.79 -8.29 -26.54
C LYS A 144 0.17 -9.31 -27.14
N LEU A 145 1.06 -9.85 -26.31
CA LEU A 145 1.98 -10.88 -26.77
C LEU A 145 1.28 -12.12 -27.27
N GLU A 146 0.39 -12.69 -26.46
CA GLU A 146 -0.24 -13.96 -26.82
C GLU A 146 -1.29 -13.83 -27.90
N ARG A 147 -2.18 -12.86 -27.77
CA ARG A 147 -3.40 -12.82 -28.61
C ARG A 147 -3.12 -12.14 -29.93
N ASP A 148 -2.39 -11.02 -29.90
CA ASP A 148 -2.13 -10.22 -31.09
C ASP A 148 -0.84 -10.60 -31.77
N MET A 149 0.27 -10.61 -31.03
CA MET A 149 1.56 -10.92 -31.64
C MET A 149 1.86 -12.42 -31.77
N LYS A 150 1.08 -13.28 -31.13
CA LYS A 150 1.25 -14.74 -31.17
C LYS A 150 2.62 -15.20 -30.68
N ILE A 151 3.13 -14.56 -29.62
CA ILE A 151 4.43 -14.94 -29.05
C ILE A 151 4.15 -15.78 -27.82
N ASN A 152 4.81 -16.92 -27.72
CA ASN A 152 4.54 -17.88 -26.68
C ASN A 152 5.66 -17.78 -25.62
N CYS A 153 5.31 -17.42 -24.37
CA CYS A 153 6.31 -17.30 -23.31
C CYS A 153 6.64 -18.62 -22.61
N SER A 154 5.92 -19.68 -22.94
CA SER A 154 6.11 -20.97 -22.32
C SER A 154 7.54 -21.46 -22.41
N GLY A 155 8.14 -21.71 -21.26
CA GLY A 155 9.53 -22.13 -21.18
C GLY A 155 10.58 -21.09 -21.50
N LYS A 156 10.21 -19.81 -21.62
CA LYS A 156 11.13 -18.69 -21.84
C LYS A 156 11.43 -17.97 -20.52
N ILE A 157 12.55 -17.25 -20.48
CA ILE A 157 12.83 -16.35 -19.37
C ILE A 157 12.29 -15.00 -19.77
N VAL A 158 11.42 -14.39 -18.95
CA VAL A 158 10.93 -13.10 -19.35
C VAL A 158 11.68 -12.00 -18.64
N ILE A 159 11.87 -10.91 -19.35
CA ILE A 159 12.46 -9.70 -18.84
C ILE A 159 11.44 -8.59 -18.90
N ALA A 160 11.19 -7.96 -17.74
CA ALA A 160 10.15 -6.97 -17.61
C ALA A 160 10.71 -5.76 -16.91
N ARG A 161 10.28 -4.59 -17.37
CA ARG A 161 10.56 -3.37 -16.65
C ARG A 161 9.62 -3.14 -15.45
N TYR A 162 10.23 -2.73 -14.36
CA TYR A 162 9.50 -2.29 -13.19
C TYR A 162 8.61 -1.11 -13.54
N GLY A 163 7.55 -0.89 -12.76
CA GLY A 163 6.71 0.27 -12.94
C GLY A 163 5.27 -0.10 -13.21
N LYS A 164 4.40 0.88 -13.06
CA LYS A 164 2.96 0.81 -13.39
C LYS A 164 2.10 -0.07 -12.49
N VAL A 165 2.63 -1.23 -12.12
CA VAL A 165 1.93 -2.16 -11.21
C VAL A 165 2.85 -2.77 -10.19
N PHE A 166 2.28 -3.31 -9.09
CA PHE A 166 3.06 -4.02 -8.08
C PHE A 166 3.81 -5.17 -8.73
N ARG A 167 5.07 -5.35 -8.31
CA ARG A 167 5.91 -6.39 -8.95
C ARG A 167 5.41 -7.83 -8.77
N GLY A 168 4.71 -8.10 -7.66
CA GLY A 168 4.11 -9.38 -7.45
C GLY A 168 3.10 -9.77 -8.55
N ASN A 169 2.34 -8.82 -9.05
CA ASN A 169 1.39 -9.06 -10.13
C ASN A 169 2.11 -9.39 -11.45
N LYS A 170 3.24 -8.73 -11.69
CA LYS A 170 4.11 -9.08 -12.83
C LYS A 170 4.52 -10.53 -12.79
N VAL A 171 4.96 -10.99 -11.62
CA VAL A 171 5.43 -12.35 -11.47
C VAL A 171 4.30 -13.37 -11.65
N LYS A 172 3.14 -13.08 -11.07
CA LYS A 172 1.97 -13.92 -11.25
C LYS A 172 1.62 -14.02 -12.73
N ASN A 173 1.67 -12.90 -13.43
CA ASN A 173 1.27 -12.86 -14.83
C ASN A 173 2.29 -13.68 -15.66
N ALA A 174 3.57 -13.53 -15.36
CA ALA A 174 4.63 -14.30 -16.09
C ALA A 174 4.47 -15.80 -15.85
N GLN A 175 4.20 -16.20 -14.60
N GLN A 175 4.18 -16.16 -14.60
CA GLN A 175 3.96 -17.63 -14.30
CA GLN A 175 4.04 -17.55 -14.21
C GLN A 175 2.83 -18.18 -15.12
C GLN A 175 2.82 -18.22 -14.87
N LEU A 176 1.72 -17.48 -15.12
CA LEU A 176 0.54 -17.98 -15.83
C LEU A 176 0.76 -18.03 -17.34
N ALA A 177 1.65 -17.18 -17.86
CA ALA A 177 2.10 -17.29 -19.26
C ALA A 177 3.08 -18.45 -19.53
N GLY A 178 3.49 -19.19 -18.51
CA GLY A 178 4.43 -20.32 -18.66
C GLY A 178 5.91 -19.99 -18.61
N ALA A 179 6.26 -18.79 -18.16
CA ALA A 179 7.66 -18.38 -18.04
C ALA A 179 8.38 -19.30 -17.10
N LYS A 180 9.68 -19.48 -17.33
CA LYS A 180 10.45 -20.28 -16.38
C LYS A 180 11.35 -19.45 -15.48
N GLY A 181 11.32 -18.14 -15.64
CA GLY A 181 12.04 -17.23 -14.75
C GLY A 181 11.70 -15.82 -15.13
N VAL A 182 11.91 -14.87 -14.22
CA VAL A 182 11.60 -13.47 -14.49
C VAL A 182 12.80 -12.62 -14.06
N ILE A 183 13.18 -11.71 -14.95
CA ILE A 183 14.18 -10.69 -14.68
C ILE A 183 13.46 -9.33 -14.64
N LEU A 184 13.55 -8.61 -13.49
CA LEU A 184 12.95 -7.30 -13.31
C LEU A 184 14.04 -6.27 -13.41
N TYR A 185 13.80 -5.16 -14.12
CA TYR A 185 14.81 -4.09 -14.17
C TYR A 185 14.20 -2.72 -14.15
N SER A 186 14.99 -1.73 -13.70
CA SER A 186 14.57 -0.34 -13.70
C SER A 186 14.98 0.39 -14.98
N ASP A 187 14.01 0.74 -15.80
CA ASP A 187 14.32 1.52 -17.03
C ASP A 187 14.44 2.97 -16.69
N PRO A 188 15.44 3.69 -17.26
CA PRO A 188 15.48 5.12 -17.01
C PRO A 188 14.23 5.88 -17.45
N ALA A 189 13.44 5.34 -18.38
CA ALA A 189 12.18 5.99 -18.75
C ALA A 189 11.27 6.19 -17.52
N ASP A 190 11.35 5.23 -16.61
CA ASP A 190 10.50 5.19 -15.41
C ASP A 190 11.20 5.62 -14.10
N TYR A 191 12.53 5.56 -14.05
CA TYR A 191 13.27 5.86 -12.80
C TYR A 191 14.43 6.85 -12.99
N PHE A 192 14.39 7.63 -14.08
CA PHE A 192 15.41 8.68 -14.31
C PHE A 192 14.69 9.91 -14.84
N ALA A 193 14.46 10.87 -13.96
CA ALA A 193 13.75 12.09 -14.27
C ALA A 193 14.65 12.94 -15.15
N PRO A 194 14.16 13.39 -16.32
CA PRO A 194 15.02 14.25 -17.16
C PRO A 194 15.52 15.52 -16.45
N GLY A 195 16.80 15.86 -16.65
CA GLY A 195 17.38 17.06 -16.06
C GLY A 195 17.91 17.01 -14.64
N VAL A 196 17.85 15.83 -14.00
CA VAL A 196 18.23 15.65 -12.62
C VAL A 196 19.42 14.71 -12.61
N LYS A 197 20.35 14.93 -11.71
CA LYS A 197 21.56 14.12 -11.64
C LYS A 197 21.32 12.81 -10.86
N SER A 198 22.08 11.77 -11.20
CA SER A 198 22.11 10.51 -10.43
C SER A 198 22.61 10.75 -9.02
N TYR A 199 22.15 9.95 -8.04
CA TYR A 199 22.72 10.00 -6.69
C TYR A 199 24.23 9.75 -6.77
N PRO A 200 25.10 10.43 -5.98
CA PRO A 200 24.82 11.39 -4.89
C PRO A 200 24.62 12.85 -5.21
N ASP A 201 24.61 13.17 -6.48
CA ASP A 201 24.55 14.59 -6.91
C ASP A 201 23.14 15.04 -7.20
N GLY A 202 22.18 14.09 -7.17
CA GLY A 202 20.78 14.44 -7.28
C GLY A 202 20.01 13.20 -6.90
N TRP A 203 18.72 13.21 -7.22
CA TRP A 203 17.79 12.16 -6.69
C TRP A 203 17.43 11.05 -7.68
N ASN A 204 18.16 10.94 -8.77
CA ASN A 204 17.95 9.89 -9.75
C ASN A 204 18.68 8.61 -9.46
N LEU A 205 18.21 7.53 -10.11
CA LEU A 205 18.74 6.21 -9.97
C LEU A 205 19.94 6.08 -10.90
N PRO A 206 21.11 5.72 -10.34
CA PRO A 206 22.25 5.36 -11.18
C PRO A 206 22.09 4.04 -11.87
N GLY A 207 22.92 3.81 -12.88
CA GLY A 207 22.82 2.60 -13.65
C GLY A 207 23.10 1.32 -12.89
N GLY A 208 23.85 1.41 -11.80
CA GLY A 208 24.12 0.31 -10.87
C GLY A 208 23.08 0.16 -9.75
N GLY A 209 22.14 1.08 -9.66
CA GLY A 209 21.09 1.02 -8.64
C GLY A 209 20.08 -0.07 -8.96
N VAL A 210 19.53 -0.71 -7.92
CA VAL A 210 18.57 -1.80 -8.09
C VAL A 210 17.50 -1.67 -6.99
N GLN A 211 16.26 -1.95 -7.39
CA GLN A 211 15.07 -1.92 -6.50
C GLN A 211 14.84 -3.29 -5.92
N ARG A 212 14.95 -3.42 -4.60
CA ARG A 212 14.58 -4.64 -3.87
C ARG A 212 13.05 -4.69 -3.79
N GLY A 213 12.54 -5.84 -3.39
CA GLY A 213 11.11 -5.92 -3.06
C GLY A 213 10.58 -7.35 -3.17
N ASN A 214 9.59 -7.64 -2.32
CA ASN A 214 8.99 -8.97 -2.35
C ASN A 214 8.09 -9.13 -3.59
N ILE A 215 7.93 -10.40 -3.99
CA ILE A 215 7.16 -10.79 -5.16
C ILE A 215 6.05 -11.80 -4.82
N LEU A 216 5.50 -11.67 -3.63
CA LEU A 216 4.38 -12.50 -3.18
C LEU A 216 3.08 -12.04 -3.80
N ASN A 217 2.11 -12.96 -3.78
CA ASN A 217 0.71 -12.70 -4.09
C ASN A 217 -0.13 -13.23 -2.93
N LEU A 218 -0.10 -12.47 -1.84
CA LEU A 218 -0.73 -12.94 -0.62
C LEU A 218 -2.22 -12.68 -0.53
N ASN A 219 -2.73 -11.68 -1.28
CA ASN A 219 -4.15 -11.31 -1.23
C ASN A 219 -4.69 -11.10 0.19
N GLY A 220 -3.85 -10.49 1.02
CA GLY A 220 -4.24 -10.17 2.37
C GLY A 220 -3.97 -11.22 3.45
N ALA A 221 -3.35 -12.34 3.11
CA ALA A 221 -3.20 -13.44 4.06
C ALA A 221 -2.24 -13.20 5.23
N GLY A 222 -1.25 -12.32 5.09
CA GLY A 222 -0.21 -12.19 6.10
C GLY A 222 0.87 -13.25 5.95
N ASP A 223 1.44 -13.72 7.06
CA ASP A 223 2.47 -14.81 6.98
C ASP A 223 1.98 -15.93 6.07
N PRO A 224 2.81 -16.32 5.10
CA PRO A 224 2.41 -17.39 4.18
C PRO A 224 2.01 -18.72 4.82
N LEU A 225 2.56 -19.00 6.01
CA LEU A 225 2.34 -20.27 6.64
C LEU A 225 1.15 -20.36 7.59
N THR A 226 0.57 -19.23 8.00
CA THR A 226 -0.47 -19.22 9.02
C THR A 226 -1.72 -18.40 8.68
N PRO A 227 -2.25 -18.51 7.47
CA PRO A 227 -3.41 -17.66 7.10
C PRO A 227 -4.58 -17.81 8.03
N GLY A 228 -5.07 -16.70 8.59
CA GLY A 228 -6.21 -16.67 9.48
C GLY A 228 -5.93 -16.53 10.95
N TYR A 229 -4.68 -16.83 11.36
CA TYR A 229 -4.31 -17.00 12.74
C TYR A 229 -2.92 -16.43 13.02
N PRO A 230 -2.70 -15.87 14.22
CA PRO A 230 -1.38 -15.34 14.45
C PRO A 230 -0.27 -16.39 14.55
N ALA A 231 0.88 -16.00 14.06
CA ALA A 231 2.07 -16.86 14.04
C ALA A 231 2.76 -16.80 15.40
N ASN A 232 2.07 -17.31 16.40
CA ASN A 232 2.50 -17.29 17.80
C ASN A 232 3.34 -18.55 18.09
N GLU A 233 3.67 -18.78 19.37
CA GLU A 233 4.61 -19.86 19.70
C GLU A 233 4.06 -21.26 19.45
N TYR A 234 2.74 -21.44 19.46
CA TYR A 234 2.17 -22.78 19.30
C TYR A 234 1.49 -22.95 17.96
N ALA A 235 1.72 -22.01 17.06
CA ALA A 235 1.00 -22.05 15.82
C ALA A 235 1.32 -23.27 15.02
N TYR A 236 0.34 -23.80 14.33
N TYR A 236 0.23 -23.76 14.40
CA TYR A 236 0.58 -24.95 13.45
CA TYR A 236 0.27 -24.60 13.20
C TYR A 236 0.75 -24.43 12.02
C TYR A 236 0.72 -23.79 12.04
N ARG A 237 1.89 -24.68 11.37
N ARG A 237 1.72 -24.37 11.37
CA ARG A 237 2.24 -24.08 10.10
CA ARG A 237 2.25 -23.85 10.15
C ARG A 237 1.93 -24.97 8.98
C ARG A 237 2.07 -24.83 9.00
N ARG A 238 1.47 -24.36 7.91
CA ARG A 238 1.47 -25.07 6.60
C ARG A 238 2.88 -25.45 6.17
N GLY A 239 2.97 -26.57 5.44
CA GLY A 239 4.17 -26.91 4.70
C GLY A 239 4.39 -25.91 3.58
N ILE A 240 5.64 -25.73 3.14
CA ILE A 240 5.96 -24.79 2.05
C ILE A 240 5.11 -25.02 0.84
N ALA A 241 4.85 -26.28 0.49
CA ALA A 241 4.07 -26.55 -0.71
C ALA A 241 2.65 -26.03 -0.65
N GLU A 242 2.08 -25.82 0.56
CA GLU A 242 0.73 -25.31 0.73
C GLU A 242 0.72 -23.82 1.22
N ALA A 243 1.88 -23.21 1.30
CA ALA A 243 1.99 -21.81 1.73
C ALA A 243 1.24 -20.90 0.78
N VAL A 244 0.80 -19.75 1.31
CA VAL A 244 0.09 -18.82 0.50
C VAL A 244 1.04 -17.89 -0.24
N GLY A 245 0.82 -17.76 -1.55
CA GLY A 245 1.36 -16.64 -2.31
C GLY A 245 2.78 -16.71 -2.83
N LEU A 246 3.45 -17.87 -2.69
N LEU A 246 3.47 -17.84 -2.63
CA LEU A 246 4.84 -17.98 -3.11
CA LEU A 246 4.86 -17.95 -3.07
C LEU A 246 4.94 -18.15 -4.62
C LEU A 246 4.95 -18.16 -4.59
N PRO A 247 5.94 -17.53 -5.24
CA PRO A 247 6.13 -17.69 -6.67
C PRO A 247 6.73 -19.06 -6.97
N SER A 248 6.42 -19.57 -8.17
N SER A 248 6.45 -19.63 -8.15
CA SER A 248 6.86 -20.91 -8.62
CA SER A 248 6.99 -20.95 -8.52
C SER A 248 8.15 -20.90 -9.44
C SER A 248 8.07 -20.91 -9.59
N ILE A 249 8.57 -19.72 -9.89
CA ILE A 249 9.72 -19.55 -10.82
C ILE A 249 10.68 -18.56 -10.23
N PRO A 250 11.99 -18.70 -10.47
CA PRO A 250 12.97 -17.75 -9.97
C PRO A 250 12.86 -16.36 -10.56
N VAL A 251 13.13 -15.35 -9.70
CA VAL A 251 13.01 -13.96 -10.06
C VAL A 251 14.20 -13.19 -9.47
N HIS A 252 14.69 -12.19 -10.19
CA HIS A 252 15.78 -11.38 -9.73
C HIS A 252 15.77 -10.00 -10.35
N PRO A 253 16.06 -8.92 -9.56
CA PRO A 253 16.07 -7.59 -10.10
C PRO A 253 17.49 -7.09 -10.43
N ILE A 254 17.56 -6.25 -11.46
CA ILE A 254 18.83 -5.64 -11.91
C ILE A 254 18.64 -4.16 -12.25
N GLY A 255 19.77 -3.46 -12.35
CA GLY A 255 19.80 -2.11 -12.80
C GLY A 255 19.94 -1.97 -14.31
N TYR A 256 19.90 -0.73 -14.75
CA TYR A 256 19.82 -0.51 -16.18
C TYR A 256 21.16 -0.65 -16.91
N TYR A 257 22.29 -0.50 -16.24
CA TYR A 257 23.58 -0.91 -16.90
C TYR A 257 23.54 -2.37 -17.28
N ASP A 258 23.16 -3.22 -16.33
CA ASP A 258 23.04 -4.64 -16.61
C ASP A 258 21.92 -4.97 -17.60
N ALA A 259 20.78 -4.30 -17.46
CA ALA A 259 19.66 -4.57 -18.38
C ALA A 259 20.04 -4.28 -19.81
N GLN A 260 20.75 -3.19 -20.02
CA GLN A 260 21.21 -2.88 -21.37
C GLN A 260 22.00 -4.03 -22.01
N LYS A 261 22.83 -4.69 -21.23
CA LYS A 261 23.60 -5.83 -21.73
C LYS A 261 22.75 -7.05 -22.08
N LEU A 262 21.62 -7.24 -21.35
CA LEU A 262 20.71 -8.35 -21.67
C LEU A 262 19.79 -8.00 -22.83
N LEU A 263 19.38 -6.74 -22.96
CA LEU A 263 18.44 -6.32 -23.97
C LEU A 263 19.11 -6.03 -25.34
N GLU A 264 20.38 -5.61 -25.31
CA GLU A 264 20.99 -5.10 -26.57
C GLU A 264 21.04 -6.14 -27.70
N LYS A 265 21.18 -7.41 -27.36
CA LYS A 265 21.22 -8.46 -28.37
C LYS A 265 19.88 -9.04 -28.78
N MET A 266 18.77 -8.55 -28.20
CA MET A 266 17.47 -9.18 -28.51
C MET A 266 17.02 -9.09 -29.97
N GLY A 267 16.48 -10.20 -30.45
CA GLY A 267 16.00 -10.34 -31.83
C GLY A 267 14.51 -10.62 -31.89
N GLY A 268 14.11 -11.45 -32.85
CA GLY A 268 12.70 -11.77 -33.05
C GLY A 268 11.90 -10.55 -33.42
N SER A 269 10.67 -10.46 -32.91
CA SER A 269 9.75 -9.42 -33.30
C SER A 269 10.12 -8.08 -32.74
N ALA A 270 9.82 -7.04 -33.51
CA ALA A 270 9.97 -5.66 -33.09
C ALA A 270 8.94 -5.35 -31.98
N PRO A 271 9.18 -4.27 -31.19
CA PRO A 271 8.14 -3.86 -30.24
C PRO A 271 6.88 -3.50 -31.01
N PRO A 272 5.69 -3.85 -30.47
CA PRO A 272 4.45 -3.58 -31.20
C PRO A 272 4.13 -2.10 -31.42
N ASP A 273 4.67 -1.23 -30.56
CA ASP A 273 4.47 0.21 -30.67
C ASP A 273 5.37 0.94 -29.67
N SER A 274 5.32 2.27 -29.64
CA SER A 274 6.27 3.03 -28.83
C SER A 274 6.03 2.98 -27.29
N SER A 275 4.85 2.55 -26.86
CA SER A 275 4.55 2.39 -25.41
C SER A 275 5.33 1.20 -24.80
N TRP A 276 5.90 0.36 -25.67
CA TRP A 276 6.82 -0.71 -25.29
C TRP A 276 8.30 -0.33 -25.21
N ARG A 277 8.68 0.85 -25.72
N ARG A 277 8.67 0.86 -25.71
CA ARG A 277 10.07 1.32 -25.72
CA ARG A 277 10.07 1.31 -25.72
C ARG A 277 10.34 2.22 -24.51
C ARG A 277 10.35 2.23 -24.53
N GLY A 278 11.35 1.85 -23.73
CA GLY A 278 11.91 2.72 -22.72
C GLY A 278 12.99 3.60 -23.31
N SER A 279 13.95 4.00 -22.50
CA SER A 279 14.91 5.06 -22.85
C SER A 279 16.32 4.59 -23.10
N LEU A 280 16.60 3.30 -22.98
CA LEU A 280 17.92 2.77 -23.28
C LEU A 280 18.09 2.72 -24.80
N LYS A 281 19.35 2.68 -25.20
CA LYS A 281 19.74 2.60 -26.62
C LYS A 281 19.76 1.16 -27.07
N VAL A 282 18.55 0.58 -27.13
CA VAL A 282 18.34 -0.77 -27.62
C VAL A 282 17.03 -0.76 -28.41
N PRO A 283 16.81 -1.80 -29.25
CA PRO A 283 15.58 -1.77 -30.05
C PRO A 283 14.29 -2.06 -29.26
N TYR A 284 14.41 -2.70 -28.10
CA TYR A 284 13.27 -3.22 -27.34
C TYR A 284 12.51 -4.28 -28.12
N ASN A 285 13.26 -5.11 -28.85
CA ASN A 285 12.67 -6.24 -29.53
C ASN A 285 12.11 -7.20 -28.50
N VAL A 286 11.02 -7.85 -28.86
CA VAL A 286 10.30 -8.71 -27.96
C VAL A 286 10.94 -10.09 -27.86
N GLY A 287 11.66 -10.51 -28.91
CA GLY A 287 12.22 -11.86 -28.91
C GLY A 287 11.24 -12.82 -29.57
N PRO A 288 11.29 -14.10 -29.27
CA PRO A 288 12.22 -14.71 -28.32
C PRO A 288 13.65 -14.76 -28.81
N GLY A 289 14.56 -14.70 -27.85
CA GLY A 289 15.98 -14.92 -28.13
C GLY A 289 16.70 -13.76 -28.76
N PHE A 290 17.97 -14.02 -29.11
CA PHE A 290 18.89 -13.00 -29.60
C PHE A 290 18.99 -13.03 -31.13
N THR A 291 19.52 -11.95 -31.70
CA THR A 291 19.74 -11.85 -33.17
C THR A 291 20.78 -12.84 -33.69
N GLY A 292 20.72 -13.10 -35.00
CA GLY A 292 21.45 -14.19 -35.67
C GLY A 292 22.81 -14.58 -35.16
N ASN A 293 23.69 -13.60 -35.02
CA ASN A 293 25.08 -13.87 -34.60
C ASN A 293 25.21 -14.40 -33.17
N PHE A 294 24.22 -14.11 -32.33
CA PHE A 294 24.23 -14.49 -30.94
C PHE A 294 23.12 -15.49 -30.61
N SER A 295 22.52 -16.08 -31.63
CA SER A 295 21.31 -16.89 -31.46
C SER A 295 21.51 -18.14 -30.64
N THR A 296 22.75 -18.64 -30.53
N THR A 296 22.76 -18.62 -30.54
CA THR A 296 23.04 -19.82 -29.72
CA THR A 296 23.10 -19.80 -29.76
C THR A 296 23.41 -19.50 -28.27
C THR A 296 23.43 -19.50 -28.29
N GLN A 297 23.55 -18.21 -27.97
CA GLN A 297 23.78 -17.78 -26.60
C GLN A 297 22.44 -17.81 -25.87
N LYS A 298 22.50 -17.97 -24.56
CA LYS A 298 21.29 -18.00 -23.74
C LYS A 298 21.49 -17.19 -22.47
N VAL A 299 20.40 -17.00 -21.74
CA VAL A 299 20.45 -16.37 -20.41
C VAL A 299 20.26 -17.41 -19.32
N LYS A 300 21.08 -17.33 -18.28
CA LYS A 300 21.04 -18.23 -17.16
C LYS A 300 20.88 -17.43 -15.85
N MET A 301 19.89 -17.79 -15.07
CA MET A 301 19.74 -17.22 -13.73
C MET A 301 20.39 -18.15 -12.71
N HIS A 302 20.86 -17.60 -11.60
CA HIS A 302 21.38 -18.37 -10.50
C HIS A 302 20.80 -17.80 -9.20
N ILE A 303 19.77 -18.46 -8.67
CA ILE A 303 19.10 -17.96 -7.47
C ILE A 303 19.19 -19.01 -6.38
N HIS A 304 19.72 -18.59 -5.24
CA HIS A 304 20.01 -19.47 -4.11
C HIS A 304 19.49 -18.94 -2.75
N SER A 305 18.57 -17.97 -2.81
CA SER A 305 17.94 -17.41 -1.61
C SER A 305 17.19 -18.51 -0.87
N THR A 306 16.99 -18.31 0.42
CA THR A 306 16.25 -19.29 1.23
C THR A 306 15.14 -18.64 2.02
N ASN A 307 14.03 -19.35 2.13
CA ASN A 307 12.92 -18.89 2.95
C ASN A 307 13.12 -19.50 4.34
N GLU A 308 12.94 -18.72 5.38
CA GLU A 308 13.04 -19.25 6.72
C GLU A 308 12.24 -18.49 7.75
N VAL A 309 11.72 -19.27 8.66
CA VAL A 309 10.86 -18.74 9.70
C VAL A 309 11.75 -17.95 10.65
N THR A 310 11.38 -16.72 10.92
CA THR A 310 12.23 -15.77 11.61
C THR A 310 11.35 -14.92 12.51
N ARG A 311 11.85 -14.54 13.67
CA ARG A 311 11.11 -13.71 14.60
C ARG A 311 11.10 -12.23 14.18
N ILE A 312 9.92 -11.61 14.34
CA ILE A 312 9.70 -10.18 14.07
C ILE A 312 9.06 -9.57 15.30
N TYR A 313 9.17 -8.26 15.39
CA TYR A 313 8.76 -7.50 16.55
C TYR A 313 8.01 -6.23 16.25
N ASN A 314 6.75 -6.14 16.67
CA ASN A 314 5.99 -4.91 16.61
C ASN A 314 6.13 -4.17 17.93
N VAL A 315 6.23 -2.85 17.88
CA VAL A 315 6.10 -2.07 19.13
C VAL A 315 4.67 -1.52 19.17
N ILE A 316 3.97 -1.74 20.29
CA ILE A 316 2.62 -1.29 20.50
C ILE A 316 2.54 -0.38 21.76
N GLY A 317 2.25 0.87 21.52
CA GLY A 317 2.11 1.90 22.59
C GLY A 317 0.67 2.26 22.80
N THR A 318 0.26 2.47 24.07
CA THR A 318 -1.11 2.80 24.41
C THR A 318 -1.18 4.09 25.18
N LEU A 319 -2.08 4.97 24.77
CA LEU A 319 -2.46 6.18 25.53
C LEU A 319 -3.94 6.03 25.82
N ARG A 320 -4.26 5.59 27.03
CA ARG A 320 -5.63 5.26 27.44
C ARG A 320 -6.57 6.45 27.42
N GLY A 321 -7.75 6.27 26.84
CA GLY A 321 -8.76 7.32 26.77
C GLY A 321 -9.37 7.61 28.13
N ALA A 322 -9.71 8.87 28.31
CA ALA A 322 -10.36 9.33 29.56
C ALA A 322 -11.82 8.97 29.67
N VAL A 323 -12.52 8.92 28.54
CA VAL A 323 -13.98 8.71 28.56
C VAL A 323 -14.41 7.42 27.90
N GLU A 324 -13.81 7.15 26.75
CA GLU A 324 -14.10 5.92 25.99
C GLU A 324 -12.83 5.11 25.75
N PRO A 325 -12.27 4.51 26.81
CA PRO A 325 -11.03 3.75 26.71
C PRO A 325 -11.18 2.50 25.84
N ASP A 326 -12.44 2.06 25.65
CA ASP A 326 -12.72 0.92 24.78
C ASP A 326 -12.98 1.30 23.35
N ARG A 327 -12.50 2.45 22.88
CA ARG A 327 -12.58 2.87 21.53
C ARG A 327 -11.18 3.22 21.10
N TYR A 328 -10.71 2.58 20.03
CA TYR A 328 -9.31 2.70 19.61
C TYR A 328 -9.14 3.47 18.32
N VAL A 329 -8.23 4.43 18.36
CA VAL A 329 -7.79 5.17 17.20
C VAL A 329 -6.32 4.80 17.04
N ILE A 330 -5.94 4.23 15.90
CA ILE A 330 -4.64 3.64 15.70
C ILE A 330 -3.84 4.47 14.70
N LEU A 331 -2.62 4.79 15.09
CA LEU A 331 -1.61 5.36 14.20
C LEU A 331 -0.46 4.37 14.07
N GLY A 332 -0.28 3.82 12.88
CA GLY A 332 0.62 2.71 12.66
C GLY A 332 1.45 2.94 11.42
N GLY A 333 2.72 2.58 11.52
CA GLY A 333 3.57 2.52 10.34
C GLY A 333 4.76 1.63 10.63
N HIS A 334 5.42 1.16 9.57
CA HIS A 334 6.48 0.22 9.78
C HIS A 334 7.85 0.80 10.02
N ARG A 335 8.69 -0.08 10.55
CA ARG A 335 10.07 0.22 11.01
C ARG A 335 11.12 -0.49 10.19
N ASP A 336 10.83 -1.69 9.68
CA ASP A 336 11.76 -2.48 8.88
C ASP A 336 12.02 -1.78 7.54
N SER A 337 13.23 -1.89 7.06
CA SER A 337 13.63 -1.28 5.79
C SER A 337 14.39 -2.30 4.97
N TRP A 338 14.49 -2.04 3.67
CA TRP A 338 15.33 -2.89 2.79
C TRP A 338 16.81 -2.63 3.10
N VAL A 339 17.20 -1.36 3.13
CA VAL A 339 18.58 -1.00 3.55
C VAL A 339 18.44 0.12 4.58
N PHE A 340 18.79 1.36 4.27
CA PHE A 340 18.80 2.42 5.30
C PHE A 340 17.44 3.02 5.51
N GLY A 341 16.52 2.86 4.54
CA GLY A 341 15.15 3.38 4.73
C GLY A 341 14.98 4.87 4.88
N GLY A 342 15.86 5.61 4.21
CA GLY A 342 15.85 7.07 4.32
C GLY A 342 14.53 7.71 4.05
N ILE A 343 13.82 7.26 3.01
CA ILE A 343 12.44 7.64 2.82
C ILE A 343 11.52 6.54 3.44
N ASP A 344 11.67 5.33 2.88
CA ASP A 344 10.75 4.20 3.19
C ASP A 344 11.41 3.24 4.19
N PRO A 345 11.04 3.26 5.47
CA PRO A 345 9.90 3.94 6.08
C PRO A 345 10.28 5.04 7.00
N GLN A 346 11.57 5.33 7.14
CA GLN A 346 11.92 6.15 8.30
C GLN A 346 11.48 7.61 8.25
N SER A 347 11.20 8.14 7.08
CA SER A 347 10.61 9.46 7.00
C SER A 347 9.22 9.47 7.61
N GLY A 348 8.53 8.33 7.57
CA GLY A 348 7.27 8.17 8.29
C GLY A 348 7.43 7.83 9.76
N ALA A 349 8.35 6.95 10.09
CA ALA A 349 8.61 6.57 11.48
C ALA A 349 9.05 7.73 12.33
N ALA A 350 9.84 8.64 11.74
CA ALA A 350 10.30 9.82 12.49
C ALA A 350 9.17 10.74 12.78
N VAL A 351 8.21 10.80 11.85
CA VAL A 351 6.99 11.59 12.05
C VAL A 351 6.12 10.97 13.17
N VAL A 352 5.93 9.65 13.14
CA VAL A 352 5.22 9.01 14.25
C VAL A 352 5.90 9.27 15.59
N HIS A 353 7.22 9.20 15.64
CA HIS A 353 7.99 9.41 16.86
C HIS A 353 7.71 10.80 17.45
N GLU A 354 7.70 11.80 16.59
CA GLU A 354 7.40 13.16 17.05
C GLU A 354 5.96 13.36 17.45
N ILE A 355 5.04 12.66 16.76
CA ILE A 355 3.63 12.67 17.18
C ILE A 355 3.44 12.08 18.57
N VAL A 356 4.08 10.94 18.85
CA VAL A 356 4.03 10.31 20.16
C VAL A 356 4.59 11.31 21.20
N ARG A 357 5.71 11.94 20.88
CA ARG A 357 6.34 12.88 21.81
C ARG A 357 5.39 14.01 22.15
N SER A 358 4.72 14.58 21.14
CA SER A 358 3.81 15.69 21.36
C SER A 358 2.59 15.29 22.17
N PHE A 359 1.93 14.17 21.83
CA PHE A 359 0.86 13.65 22.67
C PHE A 359 1.33 13.42 24.11
N GLY A 360 2.52 12.87 24.29
CA GLY A 360 3.07 12.60 25.60
C GLY A 360 3.32 13.87 26.43
N THR A 361 3.72 14.93 25.77
CA THR A 361 3.88 16.26 26.41
C THR A 361 2.55 16.73 27.01
N LEU A 362 1.46 16.61 26.25
CA LEU A 362 0.16 16.98 26.76
C LEU A 362 -0.23 16.06 27.91
N LYS A 363 0.02 14.76 27.75
CA LYS A 363 -0.29 13.81 28.79
C LYS A 363 0.44 14.12 30.12
N LYS A 364 1.70 14.49 30.05
CA LYS A 364 2.45 14.88 31.28
C LYS A 364 1.88 16.11 31.97
N GLU A 365 1.17 16.96 31.24
CA GLU A 365 0.48 18.13 31.80
C GLU A 365 -0.93 17.83 32.31
N GLY A 366 -1.34 16.57 32.25
CA GLY A 366 -2.62 16.12 32.80
C GLY A 366 -3.72 15.80 31.80
N TRP A 367 -3.42 15.93 30.51
CA TRP A 367 -4.43 15.72 29.49
C TRP A 367 -4.47 14.22 29.14
N ARG A 368 -5.66 13.80 28.75
CA ARG A 368 -5.84 12.50 28.05
C ARG A 368 -6.82 12.72 26.93
N PRO A 369 -6.68 11.95 25.84
CA PRO A 369 -7.67 11.97 24.79
C PRO A 369 -8.96 11.35 25.27
N ARG A 370 -10.05 11.61 24.59
CA ARG A 370 -11.35 11.04 24.93
C ARG A 370 -11.34 9.52 24.73
N ARG A 371 -10.88 9.13 23.56
CA ARG A 371 -10.71 7.70 23.23
C ARG A 371 -9.27 7.28 23.32
N THR A 372 -9.05 5.97 23.38
CA THR A 372 -7.71 5.42 23.47
C THR A 372 -7.01 5.59 22.13
N ILE A 373 -5.74 5.98 22.20
CA ILE A 373 -4.89 6.00 21.02
C ILE A 373 -3.85 4.89 21.11
N LEU A 374 -3.76 4.04 20.05
CA LEU A 374 -2.72 3.05 19.92
C LEU A 374 -1.72 3.46 18.85
N PHE A 375 -0.45 3.36 19.20
CA PHE A 375 0.66 3.67 18.31
C PHE A 375 1.42 2.41 17.97
N ALA A 376 1.70 2.19 16.69
CA ALA A 376 2.35 0.96 16.28
C ALA A 376 3.57 1.23 15.40
N SER A 377 4.65 0.52 15.70
CA SER A 377 5.84 0.40 14.89
C SER A 377 5.89 -1.04 14.36
N TRP A 378 5.38 -1.21 13.15
CA TRP A 378 5.25 -2.55 12.58
C TRP A 378 6.57 -3.12 12.02
N ASP A 379 6.71 -4.44 12.10
CA ASP A 379 7.84 -5.13 11.50
C ASP A 379 7.40 -5.87 10.24
N ALA A 380 8.40 -6.22 9.43
CA ALA A 380 8.27 -7.07 8.25
C ALA A 380 7.17 -6.59 7.29
N GLU A 381 6.95 -5.28 7.20
CA GLU A 381 6.07 -4.76 6.18
C GLU A 381 6.62 -5.10 4.79
N GLU A 382 7.94 -4.97 4.64
CA GLU A 382 8.54 -5.18 3.33
C GLU A 382 8.42 -6.57 2.82
N PHE A 383 8.14 -7.54 3.71
CA PHE A 383 8.03 -8.93 3.32
C PHE A 383 6.57 -9.39 3.18
N GLY A 384 5.63 -8.42 3.12
CA GLY A 384 4.24 -8.75 2.90
C GLY A 384 3.26 -8.27 3.93
N LEU A 385 3.52 -7.16 4.57
CA LEU A 385 2.59 -6.58 5.54
C LEU A 385 2.46 -7.59 6.72
N LEU A 386 3.56 -8.25 7.06
CA LEU A 386 3.45 -9.41 7.96
C LEU A 386 3.18 -9.01 9.40
N GLY A 387 3.89 -8.03 9.92
CA GLY A 387 3.73 -7.60 11.29
C GLY A 387 2.35 -7.04 11.66
N SER A 388 1.86 -6.12 10.83
CA SER A 388 0.53 -5.56 11.01
C SER A 388 -0.51 -6.68 10.90
N THR A 389 -0.36 -7.57 9.91
CA THR A 389 -1.42 -8.57 9.68
C THR A 389 -1.45 -9.60 10.80
N GLU A 390 -0.29 -10.04 11.29
CA GLU A 390 -0.29 -11.04 12.36
C GLU A 390 -0.88 -10.43 13.63
N TRP A 391 -0.55 -9.20 13.95
CA TRP A 391 -1.11 -8.53 15.12
C TRP A 391 -2.62 -8.36 15.01
N ALA A 392 -3.09 -7.97 13.84
CA ALA A 392 -4.50 -7.82 13.65
C ALA A 392 -5.19 -9.16 13.73
N GLU A 393 -4.56 -10.23 13.20
CA GLU A 393 -5.12 -11.58 13.34
C GLU A 393 -5.26 -11.97 14.81
N GLU A 394 -4.26 -11.62 15.61
N GLU A 394 -4.23 -11.65 15.61
CA GLU A 394 -4.29 -11.94 17.03
CA GLU A 394 -4.25 -11.93 17.05
C GLU A 394 -5.40 -11.16 17.74
C GLU A 394 -5.36 -11.15 17.77
N ASN A 395 -5.58 -9.91 17.35
CA ASN A 395 -6.46 -8.99 18.08
C ASN A 395 -7.73 -8.65 17.34
N SER A 396 -8.14 -9.49 16.38
CA SER A 396 -9.23 -9.20 15.49
C SER A 396 -10.55 -8.90 16.24
N ARG A 397 -10.83 -9.61 17.31
CA ARG A 397 -12.09 -9.40 18.02
C ARG A 397 -12.11 -8.05 18.70
N LEU A 398 -10.97 -7.68 19.26
CA LEU A 398 -10.90 -6.36 19.87
C LEU A 398 -11.06 -5.27 18.81
N LEU A 399 -10.40 -5.43 17.68
CA LEU A 399 -10.38 -4.44 16.62
C LEU A 399 -11.76 -4.30 15.96
N GLN A 400 -12.43 -5.40 15.67
N GLN A 400 -12.39 -5.46 15.72
CA GLN A 400 -13.69 -5.23 14.99
CA GLN A 400 -13.76 -5.59 15.18
C GLN A 400 -14.81 -4.67 15.93
C GLN A 400 -14.73 -4.69 15.95
N GLU A 401 -14.73 -4.85 17.25
CA GLU A 401 -15.75 -4.29 18.10
C GLU A 401 -15.38 -2.92 18.66
N ARG A 402 -14.11 -2.56 18.58
CA ARG A 402 -13.66 -1.33 19.23
C ARG A 402 -12.92 -0.35 18.33
N GLY A 403 -12.56 -0.78 17.11
CA GLY A 403 -11.70 0.00 16.20
C GLY A 403 -12.43 1.12 15.53
N VAL A 404 -12.07 2.35 15.91
CA VAL A 404 -12.65 3.50 15.28
C VAL A 404 -12.04 3.81 13.91
N ALA A 405 -10.71 3.88 13.86
CA ALA A 405 -10.02 4.34 12.67
C ALA A 405 -8.56 3.91 12.75
N TYR A 406 -7.96 3.72 11.54
CA TYR A 406 -6.56 3.46 11.40
C TYR A 406 -5.98 4.51 10.44
N ILE A 407 -4.91 5.20 10.89
CA ILE A 407 -4.15 6.13 10.08
C ILE A 407 -2.77 5.52 9.87
N ASN A 408 -2.41 5.29 8.60
CA ASN A 408 -1.11 4.75 8.27
C ASN A 408 -0.02 5.82 8.36
N ALA A 409 1.22 5.35 8.50
CA ALA A 409 2.36 6.27 8.61
C ALA A 409 3.65 5.70 8.08
N ASP A 410 3.61 5.30 6.83
CA ASP A 410 4.83 4.96 6.08
C ASP A 410 5.39 6.27 5.51
N SER A 411 6.16 6.20 4.46
CA SER A 411 6.94 7.35 3.93
C SER A 411 6.16 8.67 4.01
N SER A 412 6.77 9.71 4.59
CA SER A 412 6.11 11.01 4.65
C SER A 412 6.25 11.81 3.37
N ILE A 413 7.14 11.41 2.48
CA ILE A 413 7.42 12.08 1.22
C ILE A 413 7.60 11.06 0.08
N GLU A 414 7.07 11.36 -1.10
CA GLU A 414 7.46 10.67 -2.35
C GLU A 414 7.78 11.74 -3.42
N GLY A 415 7.77 13.00 -2.97
CA GLY A 415 7.98 14.16 -3.82
C GLY A 415 7.85 15.37 -2.88
N ASN A 416 7.92 16.58 -3.45
CA ASN A 416 7.80 17.78 -2.61
C ASN A 416 6.91 18.85 -3.22
N TYR A 417 5.92 18.41 -3.99
CA TYR A 417 5.05 19.32 -4.73
C TYR A 417 3.77 19.64 -3.99
N THR A 418 3.03 18.61 -3.54
CA THR A 418 1.79 18.89 -2.87
C THR A 418 1.39 17.69 -2.00
N LEU A 419 0.24 17.81 -1.36
CA LEU A 419 -0.29 16.70 -0.51
C LEU A 419 -0.91 15.59 -1.35
N ARG A 420 -0.75 14.36 -0.83
CA ARG A 420 -1.45 13.17 -1.32
C ARG A 420 -2.26 12.62 -0.13
N VAL A 421 -3.56 12.43 -0.34
CA VAL A 421 -4.43 11.73 0.65
C VAL A 421 -5.17 10.63 -0.08
N ASP A 422 -5.13 9.42 0.50
CA ASP A 422 -5.96 8.29 0.05
C ASP A 422 -6.71 7.85 1.32
N CYS A 423 -8.03 7.73 1.25
CA CYS A 423 -8.79 7.36 2.46
C CYS A 423 -10.18 6.96 2.14
N THR A 424 -10.83 6.37 3.14
CA THR A 424 -12.24 6.13 3.05
C THR A 424 -13.05 7.43 2.85
N PRO A 425 -14.16 7.37 2.10
CA PRO A 425 -15.05 8.55 2.10
C PRO A 425 -15.46 9.05 3.47
N LEU A 426 -15.51 8.19 4.50
CA LEU A 426 -15.91 8.66 5.80
C LEU A 426 -14.99 9.72 6.36
N MET A 427 -13.77 9.82 5.86
CA MET A 427 -12.81 10.84 6.31
C MET A 427 -12.66 12.07 5.42
N TYR A 428 -13.39 12.17 4.30
CA TYR A 428 -13.20 13.29 3.39
C TYR A 428 -13.43 14.62 4.11
N SER A 429 -14.53 14.71 4.82
CA SER A 429 -14.85 15.97 5.53
C SER A 429 -13.87 16.35 6.59
N LEU A 430 -13.45 15.38 7.39
CA LEU A 430 -12.40 15.56 8.37
C LEU A 430 -11.13 16.14 7.73
N VAL A 431 -10.69 15.57 6.61
CA VAL A 431 -9.46 16.00 5.90
C VAL A 431 -9.62 17.40 5.33
N HIS A 432 -10.75 17.69 4.72
CA HIS A 432 -11.01 19.05 4.17
C HIS A 432 -10.93 20.05 5.32
N ASN A 433 -11.62 19.77 6.43
CA ASN A 433 -11.67 20.73 7.55
C ASN A 433 -10.32 20.91 8.23
N LEU A 434 -9.56 19.84 8.40
CA LEU A 434 -8.28 19.95 9.04
C LEU A 434 -7.32 20.74 8.18
N THR A 435 -7.23 20.41 6.89
CA THR A 435 -6.28 21.09 6.01
C THR A 435 -6.59 22.58 5.84
N LYS A 436 -7.83 22.96 6.04
CA LYS A 436 -8.18 24.42 6.06
C LYS A 436 -7.62 25.15 7.26
N GLU A 437 -7.25 24.45 8.32
CA GLU A 437 -6.70 25.06 9.53
C GLU A 437 -5.20 24.96 9.58
N LEU A 438 -4.58 24.26 8.64
CA LEU A 438 -3.14 24.10 8.63
C LEU A 438 -2.51 25.08 7.64
N LYS A 439 -1.29 25.52 7.94
CA LYS A 439 -0.53 26.40 7.05
C LYS A 439 0.08 25.65 5.89
N SER A 440 0.05 26.21 4.68
CA SER A 440 0.77 25.61 3.56
C SER A 440 2.28 25.78 3.71
N PRO A 441 3.06 24.72 3.44
CA PRO A 441 4.51 24.85 3.47
C PRO A 441 5.07 25.28 2.12
N ASP A 442 4.21 25.45 1.12
CA ASP A 442 4.65 25.53 -0.26
C ASP A 442 5.11 26.96 -0.58
N GLU A 443 6.14 27.03 -1.40
CA GLU A 443 6.60 28.31 -1.94
C GLU A 443 5.49 28.94 -2.79
N GLY A 444 5.23 30.22 -2.55
CA GLY A 444 4.16 30.90 -3.25
C GLY A 444 2.84 30.90 -2.52
N PHE A 445 2.72 30.11 -1.44
CA PHE A 445 1.47 30.03 -0.68
C PHE A 445 1.70 30.42 0.78
N GLU A 446 2.67 31.30 0.99
CA GLU A 446 3.00 31.73 2.34
C GLU A 446 1.76 32.43 2.89
N GLY A 447 1.37 32.07 4.10
CA GLY A 447 0.18 32.65 4.72
C GLY A 447 -1.18 32.08 4.27
N LYS A 448 -1.15 31.14 3.32
CA LYS A 448 -2.36 30.46 2.86
C LYS A 448 -2.45 29.08 3.53
N SER A 449 -3.65 28.53 3.47
CA SER A 449 -3.93 27.22 4.09
C SER A 449 -3.37 26.13 3.21
N LEU A 450 -3.12 24.99 3.85
CA LEU A 450 -2.76 23.77 3.11
C LEU A 450 -3.92 23.37 2.17
N TYR A 451 -5.16 23.50 2.62
CA TYR A 451 -6.30 23.22 1.73
C TYR A 451 -6.17 24.01 0.41
N GLU A 452 -5.85 25.30 0.53
CA GLU A 452 -5.76 26.14 -0.67
C GLU A 452 -4.65 25.69 -1.63
N SER A 453 -3.45 25.43 -1.10
CA SER A 453 -2.34 25.01 -1.95
C SER A 453 -2.60 23.65 -2.58
N TRP A 454 -3.06 22.73 -1.74
CA TRP A 454 -3.39 21.40 -2.20
C TRP A 454 -4.46 21.42 -3.30
N THR A 455 -5.52 22.20 -3.10
CA THR A 455 -6.60 22.26 -4.07
C THR A 455 -6.14 22.90 -5.41
N LYS A 456 -5.31 23.92 -5.29
CA LYS A 456 -4.74 24.57 -6.47
C LYS A 456 -3.85 23.62 -7.26
N LYS A 457 -2.94 22.91 -6.59
N LYS A 457 -2.95 22.93 -6.57
CA LYS A 457 -1.97 22.03 -7.26
CA LYS A 457 -1.93 22.10 -7.19
C LYS A 457 -2.51 20.68 -7.65
C LYS A 457 -2.37 20.66 -7.51
N SER A 458 -3.48 20.19 -6.89
CA SER A 458 -4.06 18.84 -7.15
C SER A 458 -5.60 18.91 -7.15
N PRO A 459 -6.19 19.56 -8.17
CA PRO A 459 -7.64 19.69 -8.20
C PRO A 459 -8.32 18.36 -8.35
N SER A 460 -9.44 18.22 -7.66
CA SER A 460 -10.36 17.11 -7.91
C SER A 460 -10.73 17.03 -9.39
N PRO A 461 -10.77 15.82 -9.98
CA PRO A 461 -11.28 15.75 -11.35
C PRO A 461 -12.82 15.96 -11.49
N GLU A 462 -13.55 15.88 -10.37
N GLU A 462 -13.61 15.87 -10.41
CA GLU A 462 -15.02 15.98 -10.34
CA GLU A 462 -15.07 16.06 -10.50
C GLU A 462 -15.52 17.38 -9.97
C GLU A 462 -15.64 17.33 -9.88
N PHE A 463 -14.96 17.96 -8.91
CA PHE A 463 -15.51 19.15 -8.24
C PHE A 463 -14.53 20.31 -8.16
N SER A 464 -14.89 21.41 -8.84
CA SER A 464 -14.19 22.68 -8.72
C SER A 464 -14.11 23.08 -7.26
N GLY A 465 -12.93 23.55 -6.86
CA GLY A 465 -12.74 24.12 -5.53
C GLY A 465 -12.44 23.09 -4.46
N MET A 466 -12.30 21.84 -4.89
CA MET A 466 -11.94 20.73 -4.00
C MET A 466 -10.68 20.02 -4.45
N PRO A 467 -9.94 19.41 -3.49
CA PRO A 467 -8.73 18.65 -3.86
C PRO A 467 -8.98 17.20 -4.22
N ARG A 468 -8.00 16.62 -4.91
CA ARG A 468 -8.02 15.19 -5.23
C ARG A 468 -7.82 14.38 -3.94
N ILE A 469 -8.71 13.41 -3.70
CA ILE A 469 -8.49 12.35 -2.69
C ILE A 469 -8.72 11.03 -3.39
N SER A 470 -7.78 10.10 -3.25
CA SER A 470 -7.78 8.85 -4.00
C SER A 470 -8.39 7.75 -3.11
N LYS A 471 -8.74 6.67 -3.79
N LYS A 471 -8.91 6.70 -3.72
CA LYS A 471 -9.16 5.43 -3.12
CA LYS A 471 -9.34 5.54 -2.93
C LYS A 471 -7.93 4.85 -2.43
C LYS A 471 -8.06 4.80 -2.48
N LEU A 472 -8.15 4.12 -1.34
CA LEU A 472 -7.06 3.30 -0.82
C LEU A 472 -6.90 2.13 -1.74
N GLY A 473 -5.64 1.88 -2.08
CA GLY A 473 -5.28 0.67 -2.78
C GLY A 473 -4.74 -0.30 -1.75
N SER A 474 -3.54 -0.82 -2.01
CA SER A 474 -2.88 -1.64 -1.02
C SER A 474 -1.35 -1.54 -1.17
N GLY A 475 -0.64 -2.51 -0.62
CA GLY A 475 0.79 -2.46 -0.57
C GLY A 475 1.28 -1.69 0.64
N ASN A 476 0.47 -1.64 1.69
CA ASN A 476 0.89 -1.09 2.98
C ASN A 476 0.04 -1.59 4.11
N ASP A 477 0.38 -1.18 5.34
CA ASP A 477 -0.08 -1.86 6.55
C ASP A 477 -1.52 -1.55 6.93
N PHE A 478 -2.17 -0.65 6.25
CA PHE A 478 -3.62 -0.49 6.42
C PHE A 478 -4.46 -1.63 5.85
N GLU A 479 -3.88 -2.51 5.02
CA GLU A 479 -4.71 -3.48 4.28
C GLU A 479 -5.53 -4.37 5.21
N VAL A 480 -4.91 -4.94 6.24
CA VAL A 480 -5.68 -5.80 7.16
C VAL A 480 -6.82 -5.01 7.84
N PHE A 481 -6.52 -3.79 8.22
CA PHE A 481 -7.51 -3.00 8.94
C PHE A 481 -8.68 -2.61 8.06
N PHE A 482 -8.41 -2.19 6.85
CA PHE A 482 -9.48 -1.72 5.95
C PHE A 482 -10.18 -2.83 5.18
N GLN A 483 -9.45 -3.55 4.36
CA GLN A 483 -10.05 -4.54 3.44
C GLN A 483 -10.41 -5.87 4.14
N ARG A 484 -9.73 -6.27 5.22
CA ARG A 484 -10.16 -7.44 5.99
C ARG A 484 -11.18 -7.13 7.07
N LEU A 485 -10.85 -6.18 7.95
CA LEU A 485 -11.66 -5.90 9.13
C LEU A 485 -12.69 -4.80 9.01
N GLY A 486 -12.61 -3.93 8.01
CA GLY A 486 -13.60 -2.89 7.81
C GLY A 486 -13.51 -1.77 8.80
N ILE A 487 -12.28 -1.37 9.10
CA ILE A 487 -12.05 -0.21 9.99
C ILE A 487 -11.69 0.97 9.06
N ALA A 488 -12.38 2.09 9.28
CA ALA A 488 -12.16 3.32 8.49
C ALA A 488 -10.68 3.65 8.52
N SER A 489 -10.08 3.83 7.33
CA SER A 489 -8.62 3.98 7.25
C SER A 489 -8.25 5.13 6.32
N GLY A 490 -7.05 5.67 6.53
CA GLY A 490 -6.53 6.72 5.66
C GLY A 490 -4.99 6.81 5.72
N ARG A 491 -4.44 7.54 4.78
CA ARG A 491 -3.00 7.81 4.69
C ARG A 491 -2.81 9.20 4.04
N ALA A 492 -1.67 9.81 4.38
CA ALA A 492 -1.32 11.10 3.81
C ALA A 492 0.19 11.24 3.75
N ARG A 493 0.64 11.92 2.69
CA ARG A 493 2.07 12.20 2.51
C ARG A 493 2.23 13.31 1.52
N TYR A 494 3.43 13.83 1.42
CA TYR A 494 3.76 14.75 0.32
C TYR A 494 4.13 13.94 -0.93
N THR A 495 3.83 14.51 -2.10
CA THR A 495 3.95 13.80 -3.37
C THR A 495 4.39 14.75 -4.49
N LYS A 496 4.63 14.19 -5.65
N LYS A 496 4.61 14.14 -5.66
CA LYS A 496 5.01 14.95 -6.86
CA LYS A 496 4.93 14.79 -6.95
C LYS A 496 3.75 15.43 -7.59
C LYS A 496 3.72 15.49 -7.55
N ASN A 497 3.92 16.22 -8.65
CA ASN A 497 2.79 16.73 -9.43
C ASN A 497 1.95 15.60 -10.07
N TRP A 498 0.64 15.54 -9.77
CA TRP A 498 -0.23 14.44 -10.33
C TRP A 498 -0.23 14.49 -11.88
N GLU A 499 -0.19 15.72 -12.40
CA GLU A 499 -0.16 15.97 -13.84
C GLU A 499 1.02 15.30 -14.56
N THR A 500 2.20 15.28 -13.95
CA THR A 500 3.37 14.64 -14.58
C THR A 500 3.72 13.26 -13.97
N ASN A 501 2.86 12.79 -13.07
CA ASN A 501 3.15 11.54 -12.34
C ASN A 501 2.93 10.31 -13.25
N LYS A 502 3.98 9.51 -13.44
CA LYS A 502 3.92 8.30 -14.29
C LYS A 502 3.62 7.02 -13.44
N PHE A 503 3.43 7.22 -12.14
CA PHE A 503 2.88 6.20 -11.22
C PHE A 503 3.79 4.96 -11.07
N SER A 504 5.09 5.24 -10.88
CA SER A 504 6.03 4.19 -10.52
C SER A 504 6.88 4.56 -9.30
N GLY A 505 6.53 5.66 -8.62
CA GLY A 505 7.22 6.13 -7.42
C GLY A 505 8.51 6.86 -7.72
N TYR A 506 9.28 7.10 -6.67
CA TYR A 506 10.51 7.96 -6.76
C TYR A 506 11.67 7.07 -7.23
N PRO A 507 12.67 7.66 -7.89
CA PRO A 507 13.68 6.86 -8.53
C PRO A 507 14.48 5.90 -7.66
N LEU A 508 14.77 6.31 -6.42
CA LEU A 508 15.63 5.55 -5.50
C LEU A 508 14.89 4.58 -4.59
N TYR A 509 13.62 4.39 -4.91
CA TYR A 509 12.79 3.38 -4.18
C TYR A 509 13.47 2.05 -3.96
N HIS A 510 13.63 1.66 -2.69
CA HIS A 510 14.09 0.33 -2.24
C HIS A 510 15.55 0.01 -2.70
N SER A 511 16.28 1.09 -2.94
CA SER A 511 17.71 1.01 -3.29
C SER A 511 18.59 1.45 -2.08
N VAL A 512 19.83 1.04 -2.14
CA VAL A 512 20.86 1.41 -1.11
C VAL A 512 21.02 2.96 -1.04
N TYR A 513 20.63 3.68 -2.09
CA TYR A 513 20.81 5.13 -2.20
C TYR A 513 19.75 5.94 -1.44
N GLU A 514 18.72 5.23 -0.94
CA GLU A 514 17.69 5.88 -0.13
C GLU A 514 18.20 6.13 1.29
N THR A 515 18.82 7.29 1.52
CA THR A 515 19.56 7.61 2.71
C THR A 515 19.02 8.86 3.36
N TYR A 516 19.50 9.15 4.57
CA TYR A 516 19.27 10.43 5.22
C TYR A 516 19.68 11.60 4.29
N GLU A 517 20.83 11.46 3.65
CA GLU A 517 21.31 12.55 2.79
C GLU A 517 20.41 12.80 1.60
N LEU A 518 19.82 11.75 1.01
CA LEU A 518 18.84 11.96 -0.02
C LEU A 518 17.76 12.92 0.42
N VAL A 519 17.19 12.68 1.59
CA VAL A 519 16.09 13.46 2.07
C VAL A 519 16.54 14.90 2.41
N GLU A 520 17.59 15.00 3.21
CA GLU A 520 18.09 16.29 3.70
C GLU A 520 18.62 17.20 2.56
N LYS A 521 19.23 16.60 1.54
CA LYS A 521 19.80 17.43 0.46
C LYS A 521 18.77 17.74 -0.62
N PHE A 522 17.94 16.75 -1.00
CA PHE A 522 17.17 16.86 -2.22
C PHE A 522 15.65 16.91 -2.08
N TYR A 523 15.09 16.36 -0.99
CA TYR A 523 13.65 16.39 -0.83
C TYR A 523 13.15 17.48 0.10
N ASP A 524 13.73 17.62 1.30
CA ASP A 524 13.14 18.45 2.33
C ASP A 524 14.14 18.98 3.30
N PRO A 525 15.04 19.87 2.80
CA PRO A 525 16.09 20.32 3.67
C PRO A 525 15.68 20.98 4.96
N MET A 526 14.56 21.70 4.96
N MET A 526 14.56 21.70 4.95
CA MET A 526 14.04 22.35 6.17
CA MET A 526 14.00 22.38 6.12
C MET A 526 13.03 21.49 6.96
C MET A 526 13.15 21.44 7.02
N PHE A 527 12.78 20.27 6.49
CA PHE A 527 11.85 19.38 7.17
C PHE A 527 10.46 19.98 7.34
N LYS A 528 10.13 20.92 6.47
CA LYS A 528 8.83 21.56 6.49
C LYS A 528 7.73 20.65 5.89
N TYR A 529 8.06 19.85 4.88
CA TYR A 529 7.03 18.95 4.32
C TYR A 529 6.76 17.82 5.32
N HIS A 530 7.81 17.33 5.95
CA HIS A 530 7.67 16.37 7.06
C HIS A 530 6.79 16.94 8.17
N LEU A 531 7.04 18.18 8.57
CA LEU A 531 6.24 18.76 9.59
C LEU A 531 4.76 18.87 9.18
N THR A 532 4.50 19.28 7.93
CA THR A 532 3.12 19.37 7.41
C THR A 532 2.43 18.00 7.47
N VAL A 533 3.15 16.99 7.06
CA VAL A 533 2.60 15.60 7.15
C VAL A 533 2.37 15.17 8.60
N ALA A 534 3.25 15.53 9.53
CA ALA A 534 3.00 15.24 10.94
C ALA A 534 1.74 15.93 11.44
N GLN A 535 1.54 17.17 11.00
CA GLN A 535 0.33 17.91 11.35
C GLN A 535 -0.97 17.28 10.79
N VAL A 536 -0.91 16.80 9.56
CA VAL A 536 -2.06 16.11 8.92
C VAL A 536 -2.32 14.78 9.63
N ARG A 537 -1.31 13.93 9.74
CA ARG A 537 -1.53 12.61 10.39
C ARG A 537 -1.93 12.76 11.85
N GLY A 538 -1.17 13.58 12.56
CA GLY A 538 -1.44 13.84 13.95
C GLY A 538 -2.75 14.52 14.22
N GLY A 539 -3.11 15.50 13.42
CA GLY A 539 -4.36 16.19 13.51
C GLY A 539 -5.54 15.29 13.26
N MET A 540 -5.40 14.38 12.30
CA MET A 540 -6.47 13.36 12.07
C MET A 540 -6.66 12.47 13.29
N VAL A 541 -5.57 11.98 13.85
CA VAL A 541 -5.62 11.14 15.03
C VAL A 541 -6.26 11.91 16.20
N PHE A 542 -5.83 13.17 16.39
CA PHE A 542 -6.37 14.02 17.46
C PHE A 542 -7.88 14.14 17.35
N GLU A 543 -8.37 14.51 16.19
CA GLU A 543 -9.81 14.70 15.98
C GLU A 543 -10.57 13.36 16.17
N LEU A 544 -10.05 12.28 15.55
CA LEU A 544 -10.70 11.01 15.72
C LEU A 544 -10.75 10.56 17.17
N ALA A 545 -9.69 10.82 17.94
CA ALA A 545 -9.65 10.38 19.33
C ALA A 545 -10.31 11.35 20.33
N ASN A 546 -10.61 12.57 19.91
N ASN A 546 -10.57 12.58 19.93
CA ASN A 546 -11.13 13.61 20.86
CA ASN A 546 -11.09 13.60 20.87
C ASN A 546 -12.44 14.28 20.56
C ASN A 546 -12.49 14.15 20.59
N SER A 547 -12.89 14.25 19.33
CA SER A 547 -14.18 14.81 18.95
C SER A 547 -15.30 14.06 19.64
N ILE A 548 -16.26 14.83 20.17
CA ILE A 548 -17.34 14.18 20.86
C ILE A 548 -18.14 13.25 19.97
N VAL A 549 -18.54 13.77 18.83
CA VAL A 549 -19.17 12.99 17.77
C VAL A 549 -18.02 12.58 16.83
N LEU A 550 -17.95 11.30 16.48
CA LEU A 550 -16.91 10.87 15.54
C LEU A 550 -16.96 11.71 14.25
N PRO A 551 -15.78 12.10 13.72
CA PRO A 551 -15.76 13.04 12.59
C PRO A 551 -15.84 12.31 11.23
N PHE A 552 -16.93 11.57 11.06
CA PHE A 552 -17.19 10.84 9.83
C PHE A 552 -18.47 11.40 9.24
N ASP A 553 -18.53 11.61 7.94
CA ASP A 553 -19.78 12.05 7.29
C ASP A 553 -20.27 10.95 6.34
N CYS A 554 -21.30 10.22 6.78
N CYS A 554 -21.30 10.24 6.77
CA CYS A 554 -21.87 9.15 5.95
CA CYS A 554 -21.83 9.13 5.98
C CYS A 554 -22.36 9.60 4.61
C CYS A 554 -22.44 9.57 4.64
N ARG A 555 -22.75 10.86 4.48
CA ARG A 555 -23.24 11.34 3.20
C ARG A 555 -22.17 11.31 2.08
N ASP A 556 -20.90 11.43 2.48
CA ASP A 556 -19.82 11.33 1.52
C ASP A 556 -19.72 9.91 0.93
N TYR A 557 -20.04 8.89 1.72
CA TYR A 557 -20.08 7.55 1.15
C TYR A 557 -21.19 7.46 0.14
N ALA A 558 -22.34 8.09 0.40
CA ALA A 558 -23.45 8.04 -0.54
C ALA A 558 -23.10 8.59 -1.91
N VAL A 559 -22.36 9.67 -1.93
CA VAL A 559 -21.96 10.30 -3.16
C VAL A 559 -21.03 9.38 -3.98
N VAL A 560 -20.03 8.79 -3.33
CA VAL A 560 -19.09 7.94 -4.05
C VAL A 560 -19.75 6.65 -4.51
N LEU A 561 -20.69 6.11 -3.73
CA LEU A 561 -21.33 4.85 -4.12
C LEU A 561 -22.08 5.02 -5.42
N ARG A 562 -22.68 6.19 -5.62
CA ARG A 562 -23.35 6.50 -6.90
C ARG A 562 -22.38 6.61 -8.06
N LYS A 563 -21.24 7.27 -7.83
CA LYS A 563 -20.21 7.37 -8.81
C LYS A 563 -19.71 5.97 -9.18
N TYR A 564 -19.48 5.13 -8.16
CA TYR A 564 -18.99 3.79 -8.50
C TYR A 564 -20.04 2.93 -9.18
N ALA A 565 -21.30 3.06 -8.80
CA ALA A 565 -22.36 2.36 -9.52
C ALA A 565 -22.47 2.78 -10.97
N ASP A 566 -22.43 4.10 -11.20
CA ASP A 566 -22.39 4.58 -12.60
C ASP A 566 -21.22 3.97 -13.40
N LYS A 567 -20.03 3.89 -12.77
N LYS A 567 -20.06 3.88 -12.77
CA LYS A 567 -18.84 3.37 -13.43
CA LYS A 567 -18.89 3.39 -13.43
C LYS A 567 -19.04 1.91 -13.83
C LYS A 567 -18.95 1.90 -13.79
N ILE A 568 -19.43 1.07 -12.87
CA ILE A 568 -19.51 -0.34 -13.16
C ILE A 568 -20.64 -0.63 -14.18
N TYR A 569 -21.76 0.08 -14.05
CA TYR A 569 -22.79 0.01 -15.06
C TYR A 569 -22.24 0.32 -16.46
N SER A 570 -21.44 1.39 -16.57
N SER A 570 -21.43 1.38 -16.57
CA SER A 570 -20.87 1.77 -17.84
CA SER A 570 -20.87 1.77 -17.87
C SER A 570 -20.00 0.68 -18.42
C SER A 570 -19.92 0.74 -18.44
N ILE A 571 -19.22 -0.01 -17.59
CA ILE A 571 -18.43 -1.13 -18.06
C ILE A 571 -19.30 -2.24 -18.66
N SER A 572 -20.36 -2.60 -17.94
CA SER A 572 -21.26 -3.67 -18.39
C SER A 572 -21.93 -3.30 -19.71
N MET A 573 -22.31 -2.04 -19.82
CA MET A 573 -22.98 -1.50 -21.04
C MET A 573 -22.15 -1.48 -22.33
N LYS A 574 -20.88 -1.84 -22.25
CA LYS A 574 -20.11 -2.21 -23.44
C LYS A 574 -20.61 -3.53 -24.07
N HIS A 575 -21.50 -4.26 -23.38
CA HIS A 575 -22.01 -5.58 -23.81
C HIS A 575 -23.53 -5.58 -23.83
N PRO A 576 -24.14 -4.67 -24.62
CA PRO A 576 -25.60 -4.55 -24.54
C PRO A 576 -26.36 -5.79 -24.96
N GLN A 577 -25.86 -6.53 -25.97
N GLN A 577 -25.86 -6.51 -25.96
CA GLN A 577 -26.55 -7.77 -26.40
CA GLN A 577 -26.56 -7.70 -26.43
C GLN A 577 -26.61 -8.78 -25.27
C GLN A 577 -26.56 -8.84 -25.36
N GLU A 578 -25.47 -9.00 -24.62
CA GLU A 578 -25.45 -9.94 -23.51
C GLU A 578 -26.31 -9.52 -22.34
N MET A 579 -26.37 -8.22 -22.07
CA MET A 579 -27.23 -7.77 -20.99
C MET A 579 -28.71 -8.04 -21.31
N LYS A 580 -29.07 -7.89 -22.59
CA LYS A 580 -30.43 -8.28 -23.02
C LYS A 580 -30.68 -9.80 -22.91
N THR A 581 -29.78 -10.61 -23.47
CA THR A 581 -29.93 -12.07 -23.46
C THR A 581 -30.02 -12.64 -22.11
N TYR A 582 -29.15 -12.16 -21.19
CA TYR A 582 -29.09 -12.75 -19.85
C TYR A 582 -29.83 -11.94 -18.79
N SER A 583 -30.60 -10.91 -19.21
N SER A 583 -30.57 -10.89 -19.17
CA SER A 583 -31.40 -10.09 -18.32
CA SER A 583 -31.42 -10.16 -18.24
C SER A 583 -30.56 -9.59 -17.15
C SER A 583 -30.61 -9.48 -17.14
N VAL A 584 -29.48 -8.89 -17.51
CA VAL A 584 -28.52 -8.33 -16.54
C VAL A 584 -28.97 -6.94 -16.15
N SER A 585 -29.52 -6.78 -14.97
CA SER A 585 -29.99 -5.45 -14.52
C SER A 585 -29.19 -4.97 -13.34
N PHE A 586 -28.86 -3.68 -13.38
CA PHE A 586 -28.25 -2.98 -12.26
C PHE A 586 -29.29 -2.28 -11.38
N ASP A 587 -30.59 -2.48 -11.63
CA ASP A 587 -31.60 -1.72 -10.90
C ASP A 587 -31.51 -1.88 -9.40
N SER A 588 -31.21 -3.11 -8.93
CA SER A 588 -31.10 -3.34 -7.51
C SER A 588 -29.96 -2.56 -6.87
N LEU A 589 -28.84 -2.45 -7.58
CA LEU A 589 -27.72 -1.68 -7.05
C LEU A 589 -28.03 -0.18 -6.97
N PHE A 590 -28.62 0.37 -8.03
CA PHE A 590 -29.00 1.76 -7.98
C PHE A 590 -30.04 2.01 -6.93
N SER A 591 -31.00 1.09 -6.76
CA SER A 591 -31.97 1.19 -5.65
C SER A 591 -31.33 1.26 -4.27
N ALA A 592 -30.38 0.36 -4.02
CA ALA A 592 -29.67 0.34 -2.75
C ALA A 592 -28.90 1.65 -2.51
N VAL A 593 -28.31 2.18 -3.55
CA VAL A 593 -27.51 3.41 -3.44
C VAL A 593 -28.44 4.60 -3.19
N LYS A 594 -29.58 4.62 -3.89
CA LYS A 594 -30.65 5.60 -3.56
C LYS A 594 -31.11 5.53 -2.13
N ASN A 595 -31.37 4.33 -1.61
CA ASN A 595 -31.79 4.17 -0.23
C ASN A 595 -30.70 4.60 0.74
N PHE A 596 -29.45 4.23 0.46
CA PHE A 596 -28.33 4.66 1.29
C PHE A 596 -28.29 6.20 1.39
N THR A 597 -28.47 6.85 0.26
CA THR A 597 -28.40 8.31 0.17
C THR A 597 -29.51 8.93 1.06
N GLU A 598 -30.72 8.39 0.97
CA GLU A 598 -31.87 8.87 1.75
C GLU A 598 -31.69 8.63 3.21
N ILE A 599 -31.26 7.41 3.60
CA ILE A 599 -31.10 7.07 4.97
C ILE A 599 -29.93 7.86 5.61
N ALA A 600 -28.84 8.03 4.87
CA ALA A 600 -27.70 8.78 5.35
C ALA A 600 -28.10 10.25 5.63
N SER A 601 -28.89 10.82 4.74
CA SER A 601 -29.38 12.20 4.93
C SER A 601 -30.18 12.32 6.23
N LYS A 602 -31.08 11.37 6.45
CA LYS A 602 -31.89 11.37 7.68
C LYS A 602 -31.06 11.16 8.93
N PHE A 603 -30.06 10.25 8.86
CA PHE A 603 -29.18 10.06 9.98
C PHE A 603 -28.40 11.33 10.33
N SER A 604 -27.95 12.02 9.30
CA SER A 604 -27.21 13.27 9.47
C SER A 604 -28.04 14.33 10.19
N GLU A 605 -29.29 14.43 9.80
CA GLU A 605 -30.26 15.33 10.50
C GLU A 605 -30.35 14.97 11.98
N ARG A 606 -30.50 13.68 12.31
CA ARG A 606 -30.60 13.28 13.70
C ARG A 606 -29.33 13.57 14.46
N LEU A 607 -28.19 13.37 13.77
CA LEU A 607 -26.89 13.57 14.38
C LEU A 607 -26.72 15.06 14.75
N GLN A 608 -27.28 15.93 13.92
N GLN A 608 -27.32 15.92 13.93
CA GLN A 608 -27.27 17.36 14.14
CA GLN A 608 -27.27 17.37 14.13
C GLN A 608 -28.24 17.74 15.26
C GLN A 608 -28.23 17.72 15.26
N ASP A 609 -29.42 17.11 15.23
CA ASP A 609 -30.57 17.41 16.12
C ASP A 609 -30.72 16.65 17.43
N PHE A 610 -30.06 15.50 17.60
N PHE A 610 -29.66 15.92 17.82
CA PHE A 610 -30.32 14.63 18.77
CA PHE A 610 -29.56 15.32 19.17
C PHE A 610 -30.02 15.42 20.03
C PHE A 610 -28.63 16.04 20.18
N ASP A 611 -30.52 14.94 21.17
N ASP A 611 -28.68 15.65 21.46
CA ASP A 611 -30.37 15.66 22.43
CA ASP A 611 -27.83 16.33 22.48
C ASP A 611 -28.89 15.53 22.81
C ASP A 611 -26.86 15.50 23.38
N LYS A 612 -28.17 16.64 22.82
N LYS A 612 -25.61 15.98 23.24
CA LYS A 612 -26.74 16.65 23.04
CA LYS A 612 -24.41 15.40 23.82
C LYS A 612 -26.39 16.34 24.46
C LYS A 612 -24.53 15.92 25.23
N SER A 613 -27.35 16.45 25.40
N SER A 613 -24.94 15.06 26.13
CA SER A 613 -27.07 16.03 26.73
CA SER A 613 -24.67 15.12 27.55
C SER A 613 -27.12 14.50 26.97
C SER A 613 -25.29 13.91 28.07
N ASN A 614 -27.50 13.70 25.97
N ASN A 614 -25.97 13.21 27.19
CA ASN A 614 -27.75 12.25 26.17
CA ASN A 614 -26.56 11.95 27.53
C ASN A 614 -26.60 11.37 25.63
C ASN A 614 -25.59 10.86 27.08
N PRO A 615 -25.79 10.83 26.55
N PRO A 615 -24.79 10.31 28.02
CA PRO A 615 -24.56 10.18 26.13
CA PRO A 615 -23.74 9.38 27.63
C PRO A 615 -24.85 8.86 25.49
C PRO A 615 -24.20 8.19 26.82
N ILE A 616 -25.99 8.26 25.82
N ILE A 616 -25.36 7.63 27.11
CA ILE A 616 -26.37 6.99 25.20
CA ILE A 616 -25.73 6.40 26.41
C ILE A 616 -26.79 7.24 23.77
C ILE A 616 -26.26 6.68 25.00
N VAL A 617 -27.57 8.27 23.50
N VAL A 617 -27.00 7.76 24.86
CA VAL A 617 -27.95 8.57 22.12
CA VAL A 617 -27.46 8.21 23.54
C VAL A 617 -26.68 8.90 21.33
C VAL A 617 -26.24 8.57 22.66
N LEU A 618 -25.77 9.66 21.95
N LEU A 618 -25.23 9.20 23.23
CA LEU A 618 -24.50 10.00 21.30
CA LEU A 618 -24.04 9.57 22.50
C LEU A 618 -23.71 8.73 20.96
C LEU A 618 -23.30 8.31 22.09
N ARG A 619 -23.59 7.81 21.92
N ARG A 619 -23.22 7.36 23.00
CA ARG A 619 -22.80 6.58 21.69
CA ARG A 619 -22.52 6.11 22.71
C ARG A 619 -23.52 5.74 20.66
C ARG A 619 -23.18 5.35 21.57
N MET A 620 -24.85 5.72 20.63
N MET A 620 -24.52 5.29 21.57
CA MET A 620 -25.57 4.96 19.60
CA MET A 620 -25.26 4.64 20.47
C MET A 620 -25.24 5.48 18.26
C MET A 620 -24.97 5.28 19.11
N MET A 621 -25.24 6.80 18.15
N MET A 621 -24.98 6.61 18.99
CA MET A 621 -24.87 7.41 16.94
CA MET A 621 -24.81 7.30 17.68
C MET A 621 -23.32 7.28 16.75
C MET A 621 -23.45 7.09 16.99
N ASN A 622 -22.46 7.29 17.81
CA ASN A 622 -21.02 7.06 17.52
C ASN A 622 -20.84 5.60 17.10
N ASP A 623 -21.56 4.66 17.71
CA ASP A 623 -21.44 3.25 17.27
C ASP A 623 -21.96 3.10 15.85
N GLN A 624 -23.05 3.76 15.48
CA GLN A 624 -23.56 3.71 14.12
C GLN A 624 -22.51 4.24 13.15
N LEU A 625 -21.83 5.32 13.52
CA LEU A 625 -20.74 5.84 12.70
C LEU A 625 -19.53 4.89 12.59
N MET A 626 -19.14 4.30 13.73
CA MET A 626 -17.98 3.38 13.77
C MET A 626 -18.25 2.12 12.99
N PHE A 627 -19.45 1.59 13.16
CA PHE A 627 -19.80 0.32 12.44
C PHE A 627 -20.25 0.50 11.00
N LEU A 628 -20.27 1.71 10.44
CA LEU A 628 -20.63 1.90 9.07
C LEU A 628 -19.61 1.31 8.10
N GLU A 629 -18.32 1.64 8.26
CA GLU A 629 -17.31 0.97 7.45
C GLU A 629 -17.43 -0.53 7.65
N ARG A 630 -17.68 -0.98 8.85
CA ARG A 630 -17.75 -2.40 9.17
C ARG A 630 -18.84 -3.11 8.37
N ALA A 631 -19.90 -2.37 8.07
CA ALA A 631 -21.03 -2.98 7.37
C ALA A 631 -20.70 -3.36 5.96
N PHE A 632 -19.64 -2.83 5.35
CA PHE A 632 -19.30 -3.17 4.01
C PHE A 632 -18.54 -4.46 3.93
N ILE A 633 -18.25 -5.08 5.04
CA ILE A 633 -17.55 -6.39 5.07
C ILE A 633 -18.53 -7.53 4.78
N ASP A 634 -18.14 -8.44 3.89
CA ASP A 634 -18.85 -9.70 3.62
C ASP A 634 -18.04 -10.81 4.28
N PRO A 635 -18.61 -11.56 5.24
CA PRO A 635 -17.83 -12.52 5.92
C PRO A 635 -17.36 -13.65 4.98
N LEU A 636 -17.96 -13.79 3.82
CA LEU A 636 -17.53 -14.84 2.91
C LEU A 636 -16.37 -14.42 2.00
N GLY A 637 -16.00 -13.13 2.04
CA GLY A 637 -14.94 -12.60 1.26
C GLY A 637 -15.27 -12.51 -0.24
N LEU A 638 -14.31 -12.05 -1.03
CA LEU A 638 -14.46 -12.01 -2.47
C LEU A 638 -14.02 -13.33 -3.08
N PRO A 639 -14.46 -13.63 -4.32
CA PRO A 639 -14.07 -14.92 -4.92
C PRO A 639 -12.59 -15.29 -4.94
N ASP A 640 -12.24 -16.43 -4.32
CA ASP A 640 -10.88 -16.89 -4.17
C ASP A 640 -9.92 -15.95 -3.48
N ARG A 641 -10.48 -14.94 -2.81
CA ARG A 641 -9.68 -13.97 -2.01
C ARG A 641 -10.39 -13.75 -0.68
N PRO A 642 -10.30 -14.74 0.23
CA PRO A 642 -11.08 -14.70 1.44
C PRO A 642 -10.72 -13.60 2.42
N PHE A 643 -9.52 -13.03 2.31
CA PHE A 643 -9.12 -11.93 3.20
C PHE A 643 -9.36 -10.56 2.63
N TYR A 644 -9.98 -10.48 1.47
CA TYR A 644 -10.48 -9.22 0.95
C TYR A 644 -11.95 -9.31 1.08
N ARG A 645 -12.47 -8.70 2.13
N ARG A 645 -12.46 -8.72 2.15
CA ARG A 645 -13.86 -8.87 2.54
CA ARG A 645 -13.85 -8.88 2.58
C ARG A 645 -14.73 -7.62 2.28
C ARG A 645 -14.71 -7.61 2.37
N HIS A 646 -14.08 -6.47 2.03
CA HIS A 646 -14.82 -5.21 1.82
C HIS A 646 -15.42 -5.28 0.39
N VAL A 647 -16.73 -5.05 0.30
CA VAL A 647 -17.47 -5.20 -0.97
C VAL A 647 -17.27 -3.99 -1.86
N ILE A 648 -17.01 -2.83 -1.25
CA ILE A 648 -16.84 -1.64 -2.09
C ILE A 648 -15.42 -1.51 -2.66
N TYR A 649 -14.39 -1.84 -1.88
CA TYR A 649 -13.00 -1.59 -2.22
C TYR A 649 -12.19 -2.85 -2.03
N ALA A 650 -11.45 -3.24 -3.07
CA ALA A 650 -10.37 -4.24 -2.91
C ALA A 650 -9.19 -3.81 -3.73
N PRO A 651 -8.01 -4.29 -3.39
CA PRO A 651 -6.86 -4.10 -4.29
C PRO A 651 -7.14 -4.71 -5.64
N SER A 652 -6.81 -4.01 -6.71
CA SER A 652 -6.98 -4.55 -8.04
C SER A 652 -6.36 -5.93 -8.21
N SER A 653 -7.08 -6.85 -8.84
CA SER A 653 -6.56 -8.19 -9.16
C SER A 653 -5.34 -8.14 -10.13
N HIS A 654 -5.17 -7.00 -10.82
CA HIS A 654 -4.07 -6.78 -11.76
C HIS A 654 -2.96 -5.91 -11.22
N ASN A 655 -3.19 -5.31 -10.05
CA ASN A 655 -2.22 -4.37 -9.50
C ASN A 655 -2.55 -4.09 -8.05
N LYS A 656 -1.85 -4.78 -7.14
CA LYS A 656 -2.13 -4.61 -5.70
C LYS A 656 -2.09 -3.19 -5.23
N TYR A 657 -1.30 -2.31 -5.87
CA TYR A 657 -1.26 -0.91 -5.40
C TYR A 657 -2.50 -0.11 -5.67
N ALA A 658 -3.29 -0.49 -6.67
CA ALA A 658 -4.46 0.27 -7.08
C ALA A 658 -5.74 -0.21 -6.39
N GLY A 659 -6.55 0.72 -5.92
CA GLY A 659 -7.88 0.33 -5.46
C GLY A 659 -8.84 0.11 -6.61
N GLU A 660 -9.70 -0.90 -6.49
CA GLU A 660 -10.80 -1.09 -7.41
C GLU A 660 -12.12 -0.97 -6.66
N SER A 661 -13.09 -0.28 -7.24
CA SER A 661 -14.42 -0.18 -6.67
C SER A 661 -15.36 -1.24 -7.23
N PHE A 662 -16.32 -1.67 -6.38
CA PHE A 662 -17.17 -2.85 -6.69
C PHE A 662 -16.33 -3.95 -7.34
N PRO A 663 -15.28 -4.44 -6.61
CA PRO A 663 -14.35 -5.36 -7.17
C PRO A 663 -14.95 -6.67 -7.61
N GLY A 664 -15.96 -7.16 -6.88
CA GLY A 664 -16.55 -8.46 -7.27
C GLY A 664 -17.22 -8.35 -8.63
N ILE A 665 -17.95 -7.27 -8.87
CA ILE A 665 -18.58 -7.09 -10.21
C ILE A 665 -17.50 -6.77 -11.25
N TYR A 666 -16.52 -5.94 -10.91
CA TYR A 666 -15.48 -5.62 -11.85
C TYR A 666 -14.75 -6.86 -12.38
N ASP A 667 -14.35 -7.73 -11.45
CA ASP A 667 -13.63 -8.92 -11.88
C ASP A 667 -14.55 -9.86 -12.66
N ALA A 668 -15.82 -9.94 -12.30
CA ALA A 668 -16.76 -10.78 -13.09
C ALA A 668 -16.89 -10.28 -14.53
N LEU A 669 -16.81 -8.97 -14.72
CA LEU A 669 -16.88 -8.36 -16.08
C LEU A 669 -15.57 -8.37 -16.88
N PHE A 670 -14.45 -8.50 -16.19
CA PHE A 670 -13.18 -8.28 -16.85
C PHE A 670 -12.91 -9.36 -17.89
N ASP A 671 -12.61 -8.89 -19.12
CA ASP A 671 -12.32 -9.80 -20.24
C ASP A 671 -13.44 -10.83 -20.49
N ILE A 672 -14.68 -10.47 -20.19
CA ILE A 672 -15.78 -11.42 -20.21
C ILE A 672 -16.05 -11.94 -21.64
N GLU A 673 -15.76 -11.09 -22.63
CA GLU A 673 -15.93 -11.47 -24.04
C GLU A 673 -15.06 -12.65 -24.46
N SER A 674 -14.04 -12.98 -23.67
CA SER A 674 -13.16 -14.11 -23.90
C SER A 674 -13.59 -15.39 -23.21
N LYS A 675 -14.61 -15.39 -22.35
CA LYS A 675 -14.99 -16.59 -21.61
C LYS A 675 -15.74 -17.55 -22.53
N VAL A 676 -15.49 -18.85 -22.38
CA VAL A 676 -16.08 -19.83 -23.34
C VAL A 676 -17.56 -20.09 -23.06
N ASP A 677 -18.01 -19.92 -21.81
CA ASP A 677 -19.40 -20.15 -21.44
C ASP A 677 -20.02 -18.82 -20.96
N PRO A 678 -20.52 -17.99 -21.90
CA PRO A 678 -21.09 -16.69 -21.55
C PRO A 678 -22.26 -16.75 -20.57
N SER A 679 -23.08 -17.80 -20.68
CA SER A 679 -24.20 -17.95 -19.77
C SER A 679 -23.68 -17.99 -18.31
N LYS A 680 -22.67 -18.81 -18.07
CA LYS A 680 -22.06 -18.92 -16.74
C LYS A 680 -21.42 -17.59 -16.29
N ALA A 681 -20.71 -16.95 -17.22
CA ALA A 681 -19.97 -15.75 -16.90
C ALA A 681 -20.93 -14.61 -16.56
N TRP A 682 -21.98 -14.44 -17.36
CA TRP A 682 -22.96 -13.40 -17.05
C TRP A 682 -23.82 -13.71 -15.83
N GLY A 683 -24.04 -15.01 -15.55
CA GLY A 683 -24.65 -15.42 -14.28
C GLY A 683 -23.86 -14.95 -13.09
N GLU A 684 -22.54 -15.05 -13.20
CA GLU A 684 -21.66 -14.60 -12.11
C GLU A 684 -21.68 -13.08 -11.98
N VAL A 685 -21.75 -12.33 -13.10
CA VAL A 685 -21.99 -10.90 -13.03
C VAL A 685 -23.23 -10.58 -12.22
N LYS A 686 -24.33 -11.26 -12.54
CA LYS A 686 -25.60 -11.03 -11.83
C LYS A 686 -25.48 -11.36 -10.34
N ARG A 687 -24.76 -12.44 -10.05
CA ARG A 687 -24.55 -12.83 -8.66
C ARG A 687 -23.82 -11.71 -7.88
N GLN A 688 -22.81 -11.15 -8.52
CA GLN A 688 -22.04 -10.07 -7.91
C GLN A 688 -22.85 -8.78 -7.76
N ILE A 689 -23.71 -8.49 -8.74
CA ILE A 689 -24.63 -7.38 -8.58
C ILE A 689 -25.51 -7.55 -7.35
N TYR A 690 -26.09 -8.74 -7.16
CA TYR A 690 -26.91 -9.06 -5.99
C TYR A 690 -26.14 -8.90 -4.69
N VAL A 691 -24.93 -9.41 -4.62
CA VAL A 691 -24.11 -9.26 -3.43
C VAL A 691 -23.84 -7.79 -3.11
N ALA A 692 -23.50 -7.01 -4.13
CA ALA A 692 -23.22 -5.58 -3.92
C ALA A 692 -24.45 -4.79 -3.50
N ALA A 693 -25.59 -5.00 -4.16
CA ALA A 693 -26.84 -4.30 -3.81
C ALA A 693 -27.26 -4.66 -2.39
N PHE A 694 -27.18 -5.95 -2.04
CA PHE A 694 -27.51 -6.37 -0.73
C PHE A 694 -26.63 -5.70 0.32
N THR A 695 -25.33 -5.67 0.06
CA THR A 695 -24.40 -5.10 1.05
C THR A 695 -24.63 -3.62 1.24
N VAL A 696 -24.84 -2.89 0.13
CA VAL A 696 -25.14 -1.46 0.23
C VAL A 696 -26.39 -1.19 1.01
N GLN A 697 -27.45 -1.95 0.76
CA GLN A 697 -28.72 -1.79 1.52
C GLN A 697 -28.53 -2.15 2.99
N ALA A 698 -27.76 -3.21 3.27
CA ALA A 698 -27.54 -3.63 4.63
C ALA A 698 -26.74 -2.58 5.39
N ALA A 699 -25.74 -1.98 4.72
CA ALA A 699 -24.98 -0.89 5.33
C ALA A 699 -25.87 0.32 5.59
N ALA A 700 -26.70 0.67 4.60
CA ALA A 700 -27.68 1.76 4.84
C ALA A 700 -28.54 1.53 6.05
N GLU A 701 -29.04 0.28 6.20
CA GLU A 701 -29.94 -0.02 7.31
C GLU A 701 -29.31 0.09 8.69
N THR A 702 -27.96 0.06 8.77
CA THR A 702 -27.29 0.26 10.04
C THR A 702 -27.42 1.71 10.53
N LEU A 703 -27.76 2.60 9.60
CA LEU A 703 -27.95 4.03 9.91
C LEU A 703 -29.42 4.39 10.14
N SER A 704 -30.34 3.44 9.92
CA SER A 704 -31.77 3.68 10.26
C SER A 704 -31.93 3.80 11.75
N GLU A 705 -33.07 4.35 12.19
CA GLU A 705 -33.36 4.29 13.62
C GLU A 705 -33.31 2.82 14.08
N VAL A 706 -32.73 2.63 15.23
CA VAL A 706 -32.35 1.32 15.72
C VAL A 706 -33.51 0.46 16.21
N ALA A 707 -34.64 1.11 16.53
CA ALA A 707 -35.84 0.40 17.04
C ALA A 707 -36.99 1.39 16.99
#